data_1JYC
#
_entry.id   1JYC
#
_cell.length_a   103.113
_cell.length_b   118.547
_cell.length_c   254.994
_cell.angle_alpha   90.00
_cell.angle_beta   90.00
_cell.angle_gamma   90.00
#
_symmetry.space_group_name_H-M   'C 2 2 21'
#
loop_
_entity.id
_entity.type
_entity.pdbx_description
1 polymer Concanavalin-Br
2 polymer '15-mer peptide'
3 non-polymer 'MANGANESE (II) ION'
4 non-polymer 'CALCIUM ION'
5 water water
#
loop_
_entity_poly.entity_id
_entity_poly.type
_entity_poly.pdbx_seq_one_letter_code
_entity_poly.pdbx_strand_id
1 'polypeptide(L)'
;ADTIVAVELDTYPNTDIGDPSYPHIGIDIKSVRSKKTAKWNMQNGKVGTAHIIYNSVDKRLSAVVSYPNADSATVSYDVD
LDNVLPEWVRVGLSASTGLYKETNTILSWSFTSKLKSNSTHETNALHFMFNQFSKDQKDLILQGDATTGTDGNLELTRVS
SNGSPQGSSVGRALFYAPVHIWESSAVVASFEATFTFLIKSPDSHPADGIAFFISNIDSSIPSGSTGRLLGLFPDAN
;
A,B,C,D
2 'polypeptide(L)' RVWYPYGSYLTASGS P,Q,R,S
#
# COMPACT_ATOMS: atom_id res chain seq x y z
N ALA A 1 -22.03 9.79 44.46
CA ALA A 1 -21.65 8.95 43.29
C ALA A 1 -20.49 8.02 43.65
N ASP A 2 -19.72 8.38 44.68
CA ASP A 2 -18.60 7.55 45.11
C ASP A 2 -18.92 6.71 46.32
N THR A 3 -18.41 5.49 46.34
CA THR A 3 -18.60 4.59 47.46
C THR A 3 -17.27 4.56 48.18
N ILE A 4 -17.27 4.99 49.44
CA ILE A 4 -16.04 5.01 50.21
C ILE A 4 -16.10 4.19 51.50
N VAL A 5 -15.01 3.47 51.77
CA VAL A 5 -14.86 2.68 52.99
C VAL A 5 -13.47 3.09 53.45
N ALA A 6 -13.37 3.61 54.66
CA ALA A 6 -12.08 4.06 55.12
C ALA A 6 -11.84 3.98 56.62
N VAL A 7 -10.56 3.90 56.98
CA VAL A 7 -10.15 3.89 58.38
C VAL A 7 -9.48 5.24 58.49
N GLU A 8 -10.03 6.10 59.33
CA GLU A 8 -9.48 7.43 59.47
C GLU A 8 -8.61 7.63 60.71
N LEU A 9 -7.52 8.38 60.53
CA LEU A 9 -6.63 8.74 61.61
C LEU A 9 -6.97 10.21 61.86
N ASP A 10 -8.12 10.43 62.48
CA ASP A 10 -8.63 11.76 62.77
C ASP A 10 -7.86 12.48 63.88
N THR A 11 -7.05 13.46 63.51
CA THR A 11 -6.29 14.21 64.49
C THR A 11 -7.08 15.43 64.97
N TYR A 12 -8.39 15.43 64.67
CA TYR A 12 -9.19 16.64 64.97
C TYR A 12 -10.67 16.49 65.29
N PRO A 13 -11.09 17.00 66.48
CA PRO A 13 -12.45 16.90 66.99
C PRO A 13 -13.43 17.91 66.44
N ASN A 14 -14.16 17.49 65.41
CA ASN A 14 -15.17 18.35 64.84
C ASN A 14 -16.42 17.81 65.48
N THR A 15 -16.50 18.05 66.79
CA THR A 15 -17.60 17.59 67.58
C THR A 15 -18.94 18.07 67.05
N ASP A 16 -18.92 18.91 66.02
CA ASP A 16 -20.16 19.40 65.43
C ASP A 16 -20.70 18.48 64.35
N ILE A 17 -20.04 17.36 64.14
CA ILE A 17 -20.48 16.41 63.14
C ILE A 17 -20.30 14.97 63.61
N GLY A 18 -20.11 14.79 64.91
CA GLY A 18 -19.96 13.45 65.44
C GLY A 18 -18.66 13.10 66.16
N ASP A 19 -17.55 13.67 65.71
CA ASP A 19 -16.25 13.43 66.32
C ASP A 19 -16.24 13.47 67.84
N PRO A 20 -15.60 12.47 68.48
CA PRO A 20 -15.55 12.51 69.95
C PRO A 20 -14.70 13.73 70.28
N SER A 21 -14.60 14.09 71.55
CA SER A 21 -13.83 15.27 71.91
C SER A 21 -12.32 15.06 72.11
N TYR A 22 -11.70 14.26 71.25
CA TYR A 22 -10.27 13.99 71.34
C TYR A 22 -9.80 13.26 70.09
N PRO A 23 -8.47 13.20 69.87
CA PRO A 23 -7.95 12.49 68.69
C PRO A 23 -8.44 11.04 68.73
N HIS A 24 -8.76 10.48 67.58
CA HIS A 24 -9.28 9.13 67.54
C HIS A 24 -9.06 8.47 66.19
N ILE A 25 -9.35 7.17 66.14
CA ILE A 25 -9.25 6.42 64.90
C ILE A 25 -10.66 5.87 64.77
N GLY A 26 -11.13 5.72 63.53
CA GLY A 26 -12.48 5.21 63.33
C GLY A 26 -12.67 4.57 61.98
N ILE A 27 -13.80 3.88 61.82
CA ILE A 27 -14.13 3.21 60.58
C ILE A 27 -15.34 3.89 59.94
N ASP A 28 -15.17 4.36 58.71
CA ASP A 28 -16.23 5.07 58.00
C ASP A 28 -16.82 4.25 56.86
N ILE A 29 -18.14 4.17 56.80
CA ILE A 29 -18.76 3.44 55.70
C ILE A 29 -19.69 4.40 54.96
N LYS A 30 -19.19 4.98 53.87
CA LYS A 30 -19.99 5.89 53.05
C LYS A 30 -20.41 7.17 53.77
N SER A 31 -19.77 7.46 54.90
CA SER A 31 -20.08 8.66 55.65
C SER A 31 -18.92 9.10 56.54
N VAL A 32 -18.74 10.41 56.71
CA VAL A 32 -17.64 10.91 57.54
C VAL A 32 -17.93 10.61 59.02
N ARG A 33 -19.20 10.31 59.33
CA ARG A 33 -19.59 10.00 60.71
C ARG A 33 -19.28 8.53 60.98
N SER A 34 -18.10 8.28 61.54
CA SER A 34 -17.62 6.93 61.86
C SER A 34 -18.66 6.01 62.49
N LYS A 35 -18.65 4.74 62.08
CA LYS A 35 -19.58 3.77 62.64
C LYS A 35 -19.09 3.41 64.04
N LYS A 36 -17.77 3.34 64.21
CA LYS A 36 -17.18 3.09 65.52
C LYS A 36 -15.83 3.81 65.64
N THR A 37 -15.54 4.38 66.81
CA THR A 37 -14.29 5.09 67.03
C THR A 37 -13.51 4.50 68.18
N ALA A 38 -12.37 5.10 68.49
CA ALA A 38 -11.51 4.65 69.58
C ALA A 38 -10.48 5.71 69.88
N LYS A 39 -10.40 6.10 71.14
CA LYS A 39 -9.45 7.11 71.55
C LYS A 39 -8.04 6.81 71.07
N TRP A 40 -7.36 7.82 70.52
CA TRP A 40 -6.01 7.63 70.00
C TRP A 40 -5.04 8.68 70.52
N ASN A 41 -3.97 8.23 71.18
CA ASN A 41 -2.95 9.11 71.73
C ASN A 41 -1.98 9.56 70.63
N MET A 42 -2.51 10.20 69.58
CA MET A 42 -1.69 10.69 68.47
C MET A 42 -0.40 11.32 69.04
N GLN A 43 0.74 11.19 68.36
CA GLN A 43 2.02 11.76 68.80
C GLN A 43 2.73 12.57 67.72
N ASN A 44 2.81 13.89 67.95
CA ASN A 44 3.40 14.81 66.98
C ASN A 44 4.92 14.78 66.93
N GLY A 45 5.44 14.59 65.71
CA GLY A 45 6.87 14.53 65.50
C GLY A 45 7.38 13.10 65.53
N LYS A 46 6.50 12.17 65.89
CA LYS A 46 6.89 10.77 65.99
C LYS A 46 6.30 9.87 64.91
N VAL A 47 7.15 9.00 64.35
CA VAL A 47 6.71 8.07 63.32
C VAL A 47 5.80 7.02 63.95
N GLY A 48 4.64 6.81 63.33
CA GLY A 48 3.69 5.84 63.83
C GLY A 48 3.44 4.78 62.79
N THR A 49 2.61 3.80 63.14
CA THR A 49 2.30 2.71 62.23
C THR A 49 0.83 2.34 62.29
N ALA A 50 0.26 2.12 61.12
CA ALA A 50 -1.14 1.75 61.01
C ALA A 50 -1.20 0.40 60.30
N HIS A 51 -2.01 -0.49 60.85
CA HIS A 51 -2.18 -1.83 60.32
C HIS A 51 -3.68 -2.07 60.16
N ILE A 52 -4.12 -2.39 58.94
CA ILE A 52 -5.53 -2.67 58.67
C ILE A 52 -5.67 -4.08 58.10
N ILE A 53 -6.67 -4.83 58.58
CA ILE A 53 -6.89 -6.19 58.11
C ILE A 53 -8.36 -6.47 57.92
N TYR A 54 -8.66 -7.50 57.14
CA TYR A 54 -10.04 -7.89 56.86
C TYR A 54 -10.11 -9.25 56.17
N ASN A 55 -11.06 -10.09 56.55
CA ASN A 55 -11.21 -11.37 55.87
C ASN A 55 -12.71 -11.65 55.68
N SER A 56 -13.04 -12.39 54.61
CA SER A 56 -14.43 -12.69 54.31
C SER A 56 -15.06 -13.75 55.21
N VAL A 57 -14.24 -14.51 55.93
CA VAL A 57 -14.77 -15.53 56.83
C VAL A 57 -15.48 -14.88 58.01
N ASP A 58 -14.79 -13.96 58.68
CA ASP A 58 -15.31 -13.25 59.85
C ASP A 58 -16.03 -11.96 59.48
N LYS A 59 -15.69 -11.40 58.32
CA LYS A 59 -16.30 -10.15 57.86
C LYS A 59 -16.19 -9.04 58.93
N ARG A 60 -14.98 -8.88 59.46
CA ARG A 60 -14.72 -7.85 60.45
C ARG A 60 -13.55 -7.01 59.92
N LEU A 61 -13.69 -5.69 59.98
CA LEU A 61 -12.65 -4.79 59.54
C LEU A 61 -11.98 -4.25 60.80
N SER A 62 -10.68 -4.50 60.94
CA SER A 62 -9.93 -4.08 62.12
C SER A 62 -8.71 -3.23 61.80
N ALA A 63 -8.35 -2.37 62.74
CA ALA A 63 -7.21 -1.49 62.54
C ALA A 63 -6.47 -1.27 63.84
N VAL A 64 -5.16 -1.15 63.73
CA VAL A 64 -4.32 -0.90 64.89
C VAL A 64 -3.37 0.24 64.54
N VAL A 65 -3.24 1.19 65.43
CA VAL A 65 -2.32 2.29 65.21
C VAL A 65 -1.48 2.38 66.46
N SER A 66 -0.16 2.39 66.30
CA SER A 66 0.69 2.48 67.47
C SER A 66 1.98 3.26 67.24
N TYR A 67 2.67 3.60 68.32
CA TYR A 67 3.94 4.28 68.23
C TYR A 67 4.90 3.41 69.03
N PRO A 68 6.17 3.34 68.62
CA PRO A 68 7.12 2.51 69.37
C PRO A 68 7.11 2.83 70.87
N ASN A 69 6.91 1.80 71.68
CA ASN A 69 6.88 1.93 73.14
C ASN A 69 5.56 2.41 73.74
N ALA A 70 4.81 3.24 73.02
CA ALA A 70 3.52 3.70 73.51
C ALA A 70 2.54 2.55 73.36
N ASP A 71 1.27 2.74 73.69
CA ASP A 71 0.33 1.64 73.51
C ASP A 71 -0.33 1.73 72.14
N SER A 72 -1.32 0.86 71.92
CA SER A 72 -2.00 0.79 70.65
C SER A 72 -3.48 1.15 70.73
N ALA A 73 -3.95 1.86 69.73
CA ALA A 73 -5.35 2.21 69.65
C ALA A 73 -5.88 1.15 68.67
N THR A 74 -6.99 0.51 69.02
CA THR A 74 -7.56 -0.50 68.16
C THR A 74 -9.04 -0.24 67.96
N VAL A 75 -9.55 -0.61 66.79
CA VAL A 75 -10.95 -0.41 66.50
C VAL A 75 -11.39 -1.47 65.50
N SER A 76 -12.58 -2.04 65.70
CA SER A 76 -13.14 -3.06 64.82
C SER A 76 -14.62 -2.84 64.58
N TYR A 77 -15.08 -3.26 63.42
CA TYR A 77 -16.47 -3.11 63.03
C TYR A 77 -16.89 -4.28 62.13
N ASP A 78 -18.04 -4.89 62.43
CA ASP A 78 -18.52 -6.01 61.62
C ASP A 78 -19.26 -5.49 60.39
N VAL A 79 -18.72 -5.75 59.21
CA VAL A 79 -19.34 -5.30 57.96
C VAL A 79 -19.05 -6.23 56.79
N ASP A 80 -20.09 -6.61 56.07
CA ASP A 80 -19.89 -7.48 54.91
C ASP A 80 -19.61 -6.55 53.75
N LEU A 81 -18.35 -6.50 53.31
CA LEU A 81 -17.96 -5.63 52.21
C LEU A 81 -18.55 -6.01 50.85
N ASP A 82 -19.14 -7.20 50.74
CA ASP A 82 -19.73 -7.65 49.48
C ASP A 82 -20.98 -6.83 49.16
N ASN A 83 -21.59 -6.24 50.19
CA ASN A 83 -22.80 -5.43 50.05
C ASN A 83 -22.53 -3.94 50.17
N VAL A 84 -21.27 -3.54 50.11
CA VAL A 84 -20.94 -2.13 50.23
C VAL A 84 -20.09 -1.64 49.08
N LEU A 85 -19.23 -2.51 48.57
CA LEU A 85 -18.35 -2.13 47.47
C LEU A 85 -18.55 -2.95 46.22
N PRO A 86 -18.16 -2.39 45.06
CA PRO A 86 -18.29 -3.11 43.79
C PRO A 86 -17.19 -4.18 43.78
N GLU A 87 -17.27 -5.10 42.83
CA GLU A 87 -16.29 -6.18 42.73
C GLU A 87 -14.86 -5.63 42.53
N TRP A 88 -14.71 -4.62 41.68
CA TRP A 88 -13.41 -4.01 41.43
C TRP A 88 -13.37 -2.61 42.05
N VAL A 89 -12.32 -2.37 42.81
CA VAL A 89 -12.14 -1.11 43.49
C VAL A 89 -10.68 -0.65 43.35
N ARG A 90 -10.35 0.49 43.94
CA ARG A 90 -9.00 1.03 43.92
C ARG A 90 -8.71 1.41 45.38
N VAL A 91 -7.49 1.15 45.85
CA VAL A 91 -7.17 1.48 47.25
C VAL A 91 -6.20 2.63 47.32
N GLY A 92 -6.25 3.40 48.39
CA GLY A 92 -5.33 4.53 48.51
C GLY A 92 -5.27 5.23 49.85
N LEU A 93 -4.51 6.33 49.86
CA LEU A 93 -4.34 7.17 51.05
C LEU A 93 -4.79 8.62 50.78
N SER A 94 -5.39 9.24 51.78
CA SER A 94 -5.88 10.61 51.67
C SER A 94 -5.59 11.38 52.96
N ALA A 95 -5.50 12.70 52.85
CA ALA A 95 -5.24 13.54 54.02
C ALA A 95 -5.64 14.97 53.70
N SER A 96 -5.88 15.77 54.72
CA SER A 96 -6.28 17.15 54.49
C SER A 96 -5.91 18.06 55.64
N THR A 97 -5.97 19.36 55.35
CA THR A 97 -5.73 20.42 56.33
C THR A 97 -6.81 21.46 56.08
N GLY A 98 -6.98 22.39 57.01
CA GLY A 98 -7.99 23.43 56.85
C GLY A 98 -7.54 24.71 57.52
N LEU A 99 -8.23 25.07 58.59
CA LEU A 99 -7.90 26.27 59.34
C LEU A 99 -6.56 26.02 60.03
N TYR A 100 -6.42 24.79 60.54
CA TYR A 100 -5.22 24.33 61.22
C TYR A 100 -4.51 23.33 60.31
N LYS A 101 -3.21 23.16 60.48
CA LYS A 101 -2.48 22.22 59.64
C LYS A 101 -1.49 21.33 60.36
N GLU A 102 -1.00 20.34 59.62
CA GLU A 102 -0.02 19.35 60.09
C GLU A 102 0.55 18.80 58.81
N THR A 103 1.65 18.07 58.91
CA THR A 103 2.23 17.46 57.73
C THR A 103 1.64 16.06 57.73
N ASN A 104 1.31 15.53 56.55
CA ASN A 104 0.78 14.18 56.46
C ASN A 104 1.76 13.40 55.57
N THR A 105 2.91 13.10 56.15
CA THR A 105 3.99 12.38 55.47
C THR A 105 3.88 10.86 55.60
N ILE A 106 3.94 10.18 54.46
CA ILE A 106 3.89 8.72 54.41
C ILE A 106 5.31 8.26 54.10
N LEU A 107 5.84 7.38 54.95
CA LEU A 107 7.21 6.89 54.78
C LEU A 107 7.29 5.52 54.12
N SER A 108 6.19 4.76 54.16
CA SER A 108 6.17 3.44 53.54
C SER A 108 4.73 2.96 53.47
N TRP A 109 4.41 2.14 52.47
CA TRP A 109 3.06 1.63 52.30
C TRP A 109 3.09 0.24 51.68
N SER A 110 2.34 -0.68 52.27
CA SER A 110 2.26 -2.06 51.80
C SER A 110 0.81 -2.49 51.72
N PHE A 111 0.52 -3.41 50.81
CA PHE A 111 -0.82 -3.92 50.62
C PHE A 111 -0.78 -5.32 50.01
N THR A 112 -1.68 -6.17 50.47
CA THR A 112 -1.76 -7.54 49.99
C THR A 112 -3.23 -7.98 49.97
N SER A 113 -3.65 -8.52 48.84
CA SER A 113 -5.02 -8.98 48.66
C SER A 113 -5.00 -10.42 48.11
N LYS A 114 -5.93 -11.25 48.56
CA LYS A 114 -5.99 -12.65 48.12
C LYS A 114 -7.41 -13.17 47.97
N LEU A 115 -7.61 -13.97 46.95
CA LEU A 115 -8.91 -14.56 46.64
C LEU A 115 -8.75 -16.02 46.25
N LYS A 116 -9.46 -16.92 46.94
CA LYS A 116 -9.41 -18.35 46.61
C LYS A 116 -10.80 -18.70 46.06
N SER A 117 -10.86 -19.49 45.00
CA SER A 117 -12.15 -19.83 44.39
C SER A 117 -12.49 -21.33 44.35
N ASN A 118 -13.47 -21.67 43.51
CA ASN A 118 -13.96 -23.04 43.33
C ASN A 118 -12.94 -23.95 42.65
N SER A 119 -11.77 -24.04 43.25
CA SER A 119 -10.68 -24.85 42.74
C SER A 119 -9.64 -24.98 43.84
N THR A 120 -9.27 -26.23 44.15
CA THR A 120 -8.29 -26.52 45.18
C THR A 120 -6.94 -25.88 44.85
N HIS A 121 -6.45 -25.04 45.78
CA HIS A 121 -5.16 -24.36 45.62
C HIS A 121 -5.20 -23.23 44.56
N GLU A 122 -6.40 -22.85 44.15
CA GLU A 122 -6.52 -21.79 43.15
C GLU A 122 -6.83 -20.46 43.79
N THR A 123 -5.79 -19.63 43.82
CA THR A 123 -5.84 -18.31 44.42
C THR A 123 -5.27 -17.24 43.53
N ASN A 124 -5.85 -16.04 43.60
CA ASN A 124 -5.36 -14.89 42.85
C ASN A 124 -4.86 -13.93 43.92
N ALA A 125 -3.74 -13.27 43.68
CA ALA A 125 -3.20 -12.37 44.67
C ALA A 125 -2.52 -11.18 44.06
N LEU A 126 -2.52 -10.08 44.81
CA LEU A 126 -1.85 -8.85 44.42
C LEU A 126 -1.07 -8.35 45.63
N HIS A 127 0.16 -7.92 45.40
CA HIS A 127 0.96 -7.41 46.49
C HIS A 127 1.90 -6.32 46.03
N PHE A 128 1.99 -5.26 46.81
CA PHE A 128 2.92 -4.20 46.49
C PHE A 128 3.45 -3.60 47.76
N MET A 129 4.68 -3.14 47.70
CA MET A 129 5.32 -2.53 48.86
C MET A 129 6.15 -1.31 48.45
N PHE A 130 5.90 -0.18 49.13
CA PHE A 130 6.63 1.05 48.89
C PHE A 130 7.41 1.44 50.14
N ASN A 131 8.73 1.57 50.03
CA ASN A 131 9.55 1.99 51.15
C ASN A 131 10.20 3.29 50.72
N GLN A 132 10.37 3.42 49.41
CA GLN A 132 10.94 4.61 48.80
C GLN A 132 9.94 5.14 47.78
N PHE A 133 9.90 6.45 47.59
CA PHE A 133 9.00 7.04 46.61
C PHE A 133 9.80 7.92 45.65
N SER A 134 9.77 7.57 44.38
CA SER A 134 10.49 8.34 43.37
C SER A 134 9.74 9.61 43.03
N LYS A 135 10.44 10.59 42.47
CA LYS A 135 9.81 11.84 42.08
C LYS A 135 8.79 11.51 40.98
N ASP A 136 9.07 10.46 40.21
CA ASP A 136 8.14 10.06 39.17
C ASP A 136 7.65 8.62 39.42
N GLN A 137 6.67 8.50 40.31
CA GLN A 137 6.08 7.22 40.71
C GLN A 137 4.93 6.88 39.77
N LYS A 138 5.26 6.33 38.60
CA LYS A 138 4.26 5.99 37.59
C LYS A 138 3.22 4.96 37.96
N ASP A 139 3.41 4.25 39.07
CA ASP A 139 2.43 3.26 39.46
C ASP A 139 1.47 3.79 40.52
N LEU A 140 1.54 5.10 40.75
CA LEU A 140 0.66 5.79 41.69
C LEU A 140 -0.12 6.89 40.97
N ILE A 141 -1.33 7.15 41.45
CA ILE A 141 -2.17 8.19 40.90
C ILE A 141 -2.26 9.26 41.98
N LEU A 142 -1.60 10.39 41.76
CA LEU A 142 -1.60 11.50 42.73
C LEU A 142 -2.72 12.49 42.40
N GLN A 143 -3.57 12.79 43.38
CA GLN A 143 -4.67 13.73 43.16
C GLN A 143 -4.53 14.91 44.13
N GLY A 144 -5.03 16.08 43.74
CA GLY A 144 -4.92 17.25 44.59
C GLY A 144 -3.47 17.68 44.79
N ASP A 145 -3.13 18.05 46.02
CA ASP A 145 -1.78 18.50 46.36
C ASP A 145 -0.74 17.40 46.63
N ALA A 146 -1.12 16.14 46.48
CA ALA A 146 -0.19 15.03 46.73
C ALA A 146 1.07 15.11 45.85
N THR A 147 2.21 14.72 46.42
CA THR A 147 3.48 14.73 45.68
C THR A 147 4.45 13.70 46.28
N THR A 148 5.45 13.30 45.51
CA THR A 148 6.42 12.32 45.97
C THR A 148 7.85 12.75 45.62
N GLY A 149 8.84 12.08 46.20
CA GLY A 149 10.22 12.41 45.89
C GLY A 149 11.01 13.08 46.99
N THR A 150 10.34 13.92 47.76
CA THR A 150 10.98 14.64 48.86
C THR A 150 11.43 13.69 49.96
N ASP A 151 12.72 13.40 49.99
CA ASP A 151 13.31 12.49 50.98
C ASP A 151 12.80 11.07 50.78
N GLY A 152 12.41 10.77 49.54
CA GLY A 152 11.89 9.44 49.24
C GLY A 152 10.52 9.22 49.84
N ASN A 153 9.93 10.27 50.43
CA ASN A 153 8.62 10.18 51.05
C ASN A 153 7.47 10.65 50.16
N LEU A 154 6.25 10.43 50.63
CA LEU A 154 5.04 10.82 49.92
C LEU A 154 4.29 11.87 50.75
N GLU A 155 4.28 13.12 50.29
CA GLU A 155 3.60 14.20 51.00
C GLU A 155 2.19 14.35 50.46
N LEU A 156 1.21 13.99 51.28
CA LEU A 156 -0.19 14.07 50.89
C LEU A 156 -0.75 15.48 50.75
N THR A 157 -0.22 16.43 51.52
CA THR A 157 -0.66 17.82 51.45
C THR A 157 0.54 18.79 51.36
N ARG A 158 0.29 20.05 51.03
CA ARG A 158 1.37 21.05 50.89
C ARG A 158 2.23 21.24 52.13
N VAL A 159 3.52 21.47 51.93
CA VAL A 159 4.45 21.64 53.05
C VAL A 159 5.50 22.75 52.91
N SER A 160 5.70 23.26 51.70
CA SER A 160 6.69 24.33 51.47
C SER A 160 8.14 23.89 51.61
N SER A 161 9.07 24.80 51.30
CA SER A 161 10.50 24.52 51.34
C SER A 161 11.08 24.22 52.72
N ASN A 162 10.75 25.05 53.70
CA ASN A 162 11.26 24.88 55.06
C ASN A 162 10.52 23.80 55.84
N GLY A 163 9.74 22.98 55.13
CA GLY A 163 9.03 21.89 55.75
C GLY A 163 7.85 22.23 56.65
N SER A 164 7.28 23.42 56.51
CA SER A 164 6.11 23.80 57.33
C SER A 164 4.80 23.57 56.56
N PRO A 165 3.88 22.78 57.13
CA PRO A 165 2.58 22.47 56.51
C PRO A 165 1.72 23.69 56.18
N GLN A 166 0.90 23.57 55.14
CA GLN A 166 0.01 24.64 54.73
C GLN A 166 -1.45 24.28 55.08
N GLY A 167 -2.27 25.30 55.29
CA GLY A 167 -3.67 25.07 55.60
C GLY A 167 -4.49 24.91 54.33
N SER A 168 -5.76 24.53 54.49
CA SER A 168 -6.64 24.33 53.34
C SER A 168 -5.99 23.56 52.20
N SER A 169 -5.51 22.37 52.48
CA SER A 169 -4.86 21.53 51.46
C SER A 169 -5.47 20.14 51.41
N VAL A 170 -5.42 19.50 50.25
CA VAL A 170 -5.97 18.15 50.10
C VAL A 170 -5.26 17.34 49.04
N GLY A 171 -4.99 16.07 49.36
CA GLY A 171 -4.31 15.21 48.41
C GLY A 171 -4.58 13.75 48.63
N ARG A 172 -4.44 12.95 47.57
CA ARG A 172 -4.64 11.51 47.67
C ARG A 172 -3.63 10.78 46.79
N ALA A 173 -3.49 9.48 47.03
CA ALA A 173 -2.58 8.65 46.24
C ALA A 173 -3.24 7.27 46.13
N LEU A 174 -3.48 6.83 44.89
CA LEU A 174 -4.10 5.53 44.71
C LEU A 174 -3.20 4.64 43.88
N PHE A 175 -3.23 3.34 44.16
CA PHE A 175 -2.42 2.42 43.38
C PHE A 175 -3.01 2.39 41.97
N TYR A 176 -2.15 2.42 40.97
CA TYR A 176 -2.58 2.44 39.58
C TYR A 176 -3.53 1.33 39.15
N ALA A 177 -3.17 0.08 39.42
CA ALA A 177 -4.01 -1.05 39.01
C ALA A 177 -5.27 -1.29 39.85
N PRO A 178 -6.39 -1.64 39.19
CA PRO A 178 -7.63 -1.88 39.94
C PRO A 178 -7.42 -3.14 40.77
N VAL A 179 -8.20 -3.29 41.83
CA VAL A 179 -8.08 -4.45 42.70
C VAL A 179 -9.37 -5.25 42.79
N HIS A 180 -9.25 -6.57 42.79
CA HIS A 180 -10.42 -7.44 42.90
C HIS A 180 -10.56 -7.74 44.40
N ILE A 181 -11.40 -6.96 45.07
CA ILE A 181 -11.60 -7.08 46.51
C ILE A 181 -12.58 -8.19 46.96
N TRP A 182 -13.36 -8.73 46.04
CA TRP A 182 -14.30 -9.82 46.38
C TRP A 182 -14.95 -10.46 45.15
N GLU A 183 -15.57 -11.61 45.39
CA GLU A 183 -16.27 -12.37 44.35
C GLU A 183 -17.16 -13.41 44.99
N SER A 184 -18.31 -13.66 44.38
CA SER A 184 -19.28 -14.63 44.90
C SER A 184 -18.64 -15.99 45.15
N SER A 185 -17.96 -16.48 44.12
CA SER A 185 -17.28 -17.77 44.15
C SER A 185 -16.23 -17.88 45.24
N ALA A 186 -15.60 -16.78 45.60
CA ALA A 186 -14.56 -16.76 46.61
C ALA A 186 -14.89 -17.53 47.88
N VAL A 187 -14.00 -18.45 48.26
CA VAL A 187 -14.13 -19.28 49.46
C VAL A 187 -13.57 -18.49 50.64
N VAL A 188 -12.42 -17.86 50.40
CA VAL A 188 -11.77 -17.02 51.39
C VAL A 188 -11.17 -15.83 50.66
N ALA A 189 -11.54 -14.64 51.09
CA ALA A 189 -11.02 -13.42 50.51
C ALA A 189 -10.55 -12.57 51.67
N SER A 190 -9.38 -11.99 51.54
CA SER A 190 -8.85 -11.16 52.61
C SER A 190 -7.82 -10.19 52.09
N PHE A 191 -7.54 -9.16 52.88
CA PHE A 191 -6.56 -8.16 52.52
C PHE A 191 -6.01 -7.53 53.79
N GLU A 192 -4.79 -7.03 53.71
CA GLU A 192 -4.16 -6.36 54.84
C GLU A 192 -3.26 -5.25 54.28
N ALA A 193 -3.29 -4.10 54.93
CA ALA A 193 -2.51 -2.96 54.49
C ALA A 193 -1.74 -2.37 55.65
N THR A 194 -0.57 -1.81 55.38
CA THR A 194 0.28 -1.21 56.40
C THR A 194 0.97 0.03 55.87
N PHE A 195 1.07 1.07 56.71
CA PHE A 195 1.79 2.28 56.33
C PHE A 195 2.34 3.02 57.55
N THR A 196 3.52 3.61 57.40
CA THR A 196 4.11 4.36 58.49
C THR A 196 3.92 5.83 58.15
N PHE A 197 3.58 6.62 59.16
CA PHE A 197 3.31 8.04 58.97
C PHE A 197 4.05 8.95 59.95
N LEU A 198 4.14 10.22 59.59
CA LEU A 198 4.78 11.22 60.43
C LEU A 198 3.94 12.48 60.38
N ILE A 199 3.14 12.68 61.42
CA ILE A 199 2.29 13.84 61.49
C ILE A 199 2.94 14.87 62.39
N LYS A 200 3.41 15.95 61.80
CA LYS A 200 4.08 16.99 62.56
C LYS A 200 3.34 18.31 62.44
N SER A 201 3.25 19.01 63.56
CA SER A 201 2.57 20.30 63.60
C SER A 201 3.49 21.28 64.34
N PRO A 202 4.12 22.20 63.61
CA PRO A 202 5.02 23.18 64.23
C PRO A 202 4.29 24.07 65.23
N ASP A 203 3.15 24.61 64.79
CA ASP A 203 2.31 25.47 65.62
C ASP A 203 1.86 24.60 66.79
N SER A 204 1.93 23.29 66.59
CA SER A 204 1.52 22.34 67.61
C SER A 204 0.02 22.49 67.82
N HIS A 205 -0.77 21.99 66.87
CA HIS A 205 -2.22 22.03 66.91
C HIS A 205 -2.65 21.40 65.59
N PRO A 206 -2.58 20.07 65.52
CA PRO A 206 -2.90 19.16 64.42
C PRO A 206 -4.30 19.26 63.86
N ALA A 207 -4.39 18.96 62.57
CA ALA A 207 -5.62 18.93 61.78
C ALA A 207 -5.15 18.72 60.32
N ASP A 208 -5.81 17.82 59.59
CA ASP A 208 -7.12 17.28 59.97
C ASP A 208 -7.12 15.76 60.10
N GLY A 209 -6.10 15.12 59.53
CA GLY A 209 -6.01 13.69 59.59
C GLY A 209 -5.58 13.01 58.31
N ILE A 210 -5.30 11.72 58.41
CA ILE A 210 -4.90 10.89 57.28
C ILE A 210 -5.87 9.72 57.27
N ALA A 211 -6.05 9.08 56.12
CA ALA A 211 -6.97 7.96 56.04
C ALA A 211 -6.59 6.95 54.99
N PHE A 212 -6.91 5.67 55.25
CA PHE A 212 -6.66 4.62 54.27
C PHE A 212 -8.06 4.34 53.73
N PHE A 213 -8.22 4.33 52.41
CA PHE A 213 -9.56 4.10 51.87
C PHE A 213 -9.63 3.17 50.67
N ILE A 214 -10.85 2.71 50.40
CA ILE A 214 -11.13 1.82 49.29
C ILE A 214 -12.31 2.47 48.59
N SER A 215 -12.31 2.48 47.27
CA SER A 215 -13.41 3.10 46.53
C SER A 215 -13.56 2.58 45.12
N ASN A 216 -14.58 3.07 44.42
CA ASN A 216 -14.79 2.69 43.03
C ASN A 216 -13.59 3.21 42.22
N ILE A 217 -13.23 2.46 41.18
CA ILE A 217 -12.10 2.78 40.31
C ILE A 217 -11.96 4.23 39.83
N ASP A 218 -13.08 4.87 39.54
CA ASP A 218 -13.11 6.25 39.03
C ASP A 218 -13.23 7.37 40.08
N SER A 219 -12.86 7.09 41.32
CA SER A 219 -12.95 8.08 42.38
C SER A 219 -11.97 9.25 42.28
N SER A 220 -12.44 10.43 42.66
CA SER A 220 -11.61 11.63 42.65
C SER A 220 -12.04 12.51 43.82
N ILE A 221 -11.21 13.48 44.19
CA ILE A 221 -11.52 14.36 45.32
C ILE A 221 -12.82 15.15 45.14
N PRO A 222 -13.69 15.13 46.16
CA PRO A 222 -14.96 15.87 46.07
C PRO A 222 -14.71 17.37 46.29
N SER A 223 -15.61 18.22 45.80
CA SER A 223 -15.46 19.66 45.99
C SER A 223 -15.43 20.03 47.48
N GLY A 224 -14.61 21.00 47.82
CA GLY A 224 -14.49 21.47 49.19
C GLY A 224 -14.40 20.37 50.23
N SER A 225 -13.76 19.26 49.87
CA SER A 225 -13.62 18.17 50.81
C SER A 225 -12.31 18.31 51.59
N THR A 226 -11.82 19.53 51.74
CA THR A 226 -10.62 19.74 52.53
C THR A 226 -11.08 19.80 53.99
N GLY A 227 -10.14 20.01 54.91
CA GLY A 227 -10.50 20.09 56.32
C GLY A 227 -11.10 18.81 56.90
N ARG A 228 -12.20 18.97 57.65
CA ARG A 228 -12.90 17.88 58.31
C ARG A 228 -13.35 16.71 57.42
N LEU A 229 -13.47 16.96 56.12
CA LEU A 229 -13.93 15.92 55.19
C LEU A 229 -12.85 14.95 54.72
N LEU A 230 -11.60 15.19 55.13
CA LEU A 230 -10.47 14.33 54.80
C LEU A 230 -10.31 13.97 53.32
N GLY A 231 -10.84 14.81 52.43
CA GLY A 231 -10.73 14.56 51.00
C GLY A 231 -11.43 13.29 50.55
N LEU A 232 -12.50 12.92 51.26
CA LEU A 232 -13.24 11.70 50.95
C LEU A 232 -14.72 11.92 50.66
N PHE A 233 -15.41 12.64 51.54
CA PHE A 233 -16.83 12.88 51.36
C PHE A 233 -17.19 14.30 50.95
N PRO A 234 -18.26 14.46 50.13
CA PRO A 234 -18.74 15.75 49.62
C PRO A 234 -19.47 16.58 50.67
N ASP A 235 -20.03 15.91 51.67
CA ASP A 235 -20.74 16.58 52.75
C ASP A 235 -20.54 15.82 54.06
N ALA A 236 -21.13 16.31 55.14
CA ALA A 236 -20.96 15.66 56.44
C ALA A 236 -22.19 14.90 56.92
N ASN A 237 -23.02 14.45 55.99
CA ASN A 237 -24.21 13.69 56.34
C ASN A 237 -23.81 12.26 56.68
N ALA B 1 10.25 3.20 17.50
CA ALA B 1 9.20 2.19 17.80
C ALA B 1 9.31 1.69 19.24
N ASP B 2 8.56 0.64 19.56
CA ASP B 2 8.56 0.06 20.89
C ASP B 2 9.93 -0.52 21.21
N THR B 3 10.16 -0.81 22.49
CA THR B 3 11.41 -1.41 22.93
C THR B 3 11.01 -2.74 23.56
N ILE B 4 11.37 -3.84 22.90
CA ILE B 4 11.01 -5.16 23.40
C ILE B 4 12.18 -6.00 23.87
N VAL B 5 11.89 -6.80 24.89
CA VAL B 5 12.83 -7.78 25.45
C VAL B 5 11.86 -8.93 25.68
N ALA B 6 12.14 -10.07 25.04
CA ALA B 6 11.22 -11.19 25.17
C ALA B 6 11.87 -12.55 25.20
N VAL B 7 11.14 -13.50 25.77
CA VAL B 7 11.59 -14.88 25.83
C VAL B 7 10.49 -15.58 25.06
N GLU B 8 10.83 -16.05 23.86
CA GLU B 8 9.85 -16.69 22.98
C GLU B 8 9.83 -18.21 23.06
N LEU B 9 8.63 -18.77 22.91
CA LEU B 9 8.45 -20.21 22.87
C LEU B 9 8.00 -20.40 21.42
N ASP B 10 8.97 -20.40 20.52
CA ASP B 10 8.77 -20.50 19.09
C ASP B 10 8.38 -21.91 18.65
N THR B 11 7.20 -22.06 18.08
CA THR B 11 6.75 -23.39 17.65
C THR B 11 7.02 -23.73 16.19
N TYR B 12 7.28 -22.73 15.35
CA TYR B 12 7.55 -22.99 13.94
C TYR B 12 8.90 -22.42 13.51
N PRO B 13 9.70 -23.22 12.77
CA PRO B 13 11.01 -22.80 12.30
C PRO B 13 11.03 -22.01 11.00
N ASN B 14 11.16 -20.68 11.10
CA ASN B 14 11.23 -19.85 9.91
C ASN B 14 12.70 -19.60 9.68
N THR B 15 13.35 -20.61 9.10
CA THR B 15 14.77 -20.53 8.81
C THR B 15 15.06 -19.38 7.87
N ASP B 16 14.01 -18.85 7.26
CA ASP B 16 14.16 -17.74 6.34
C ASP B 16 14.43 -16.42 7.07
N ILE B 17 14.52 -16.48 8.40
CA ILE B 17 14.81 -15.30 9.21
C ILE B 17 15.56 -15.60 10.51
N GLY B 18 16.31 -16.70 10.54
CA GLY B 18 17.08 -17.01 11.72
C GLY B 18 16.76 -18.25 12.52
N ASP B 19 15.49 -18.61 12.58
CA ASP B 19 15.07 -19.79 13.35
C ASP B 19 15.87 -21.07 13.09
N PRO B 20 16.19 -21.81 14.15
CA PRO B 20 16.94 -23.07 14.00
C PRO B 20 15.96 -24.05 13.35
N SER B 21 16.44 -25.19 12.88
CA SER B 21 15.55 -26.15 12.22
C SER B 21 14.75 -27.06 13.15
N TYR B 22 14.08 -26.47 14.13
CA TYR B 22 13.25 -27.23 15.07
C TYR B 22 12.56 -26.27 16.04
N PRO B 23 11.50 -26.73 16.71
CA PRO B 23 10.84 -25.83 17.66
C PRO B 23 11.90 -25.43 18.69
N HIS B 24 11.90 -24.17 19.12
CA HIS B 24 12.94 -23.72 20.05
C HIS B 24 12.49 -22.69 21.06
N ILE B 25 13.35 -22.46 22.04
CA ILE B 25 13.14 -21.47 23.08
C ILE B 25 14.18 -20.41 22.75
N GLY B 26 13.88 -19.13 22.99
CA GLY B 26 14.88 -18.12 22.68
C GLY B 26 14.75 -16.80 23.41
N ILE B 27 15.85 -16.05 23.43
CA ILE B 27 15.88 -14.73 24.07
C ILE B 27 16.05 -13.68 22.98
N ASP B 28 15.05 -12.78 22.90
CA ASP B 28 15.05 -11.72 21.89
C ASP B 28 15.28 -10.36 22.52
N ILE B 29 16.19 -9.58 21.93
CA ILE B 29 16.47 -8.26 22.43
C ILE B 29 16.28 -7.25 21.30
N LYS B 30 15.11 -6.62 21.25
CA LYS B 30 14.81 -5.62 20.25
C LYS B 30 14.82 -6.16 18.82
N SER B 31 14.83 -7.48 18.67
CA SER B 31 14.83 -8.11 17.36
C SER B 31 14.23 -9.51 17.41
N VAL B 32 13.52 -9.90 16.35
CA VAL B 32 12.90 -11.23 16.28
C VAL B 32 13.98 -12.30 16.11
N ARG B 33 15.19 -11.86 15.75
CA ARG B 33 16.32 -12.76 15.58
C ARG B 33 16.99 -12.96 16.94
N SER B 34 16.59 -14.05 17.62
CA SER B 34 17.11 -14.37 18.95
C SER B 34 18.61 -14.23 19.08
N LYS B 35 19.05 -13.73 20.22
CA LYS B 35 20.48 -13.56 20.49
C LYS B 35 21.04 -14.93 20.89
N LYS B 36 20.15 -15.76 21.42
CA LYS B 36 20.51 -17.12 21.85
C LYS B 36 19.26 -18.03 21.86
N THR B 37 19.45 -19.29 21.50
CA THR B 37 18.35 -20.25 21.46
C THR B 37 18.71 -21.62 22.00
N ALA B 38 17.69 -22.44 22.21
CA ALA B 38 17.88 -23.79 22.71
C ALA B 38 16.78 -24.68 22.14
N LYS B 39 17.12 -25.92 21.86
CA LYS B 39 16.15 -26.84 21.32
C LYS B 39 15.04 -27.09 22.34
N TRP B 40 13.81 -27.27 21.84
CA TRP B 40 12.64 -27.49 22.70
C TRP B 40 11.71 -28.58 22.16
N ASN B 41 11.45 -29.59 22.98
CA ASN B 41 10.58 -30.69 22.60
C ASN B 41 9.16 -30.34 22.95
N MET B 42 8.56 -29.50 22.12
CA MET B 42 7.17 -29.09 22.32
C MET B 42 6.28 -30.34 22.36
N GLN B 43 5.23 -30.32 23.19
CA GLN B 43 4.32 -31.45 23.29
C GLN B 43 2.89 -31.06 23.04
N ASN B 44 2.48 -31.01 21.78
CA ASN B 44 1.12 -30.64 21.44
C ASN B 44 0.16 -31.41 22.35
N GLY B 45 -0.84 -30.73 22.89
CA GLY B 45 -1.78 -31.42 23.72
C GLY B 45 -1.65 -31.28 25.21
N LYS B 46 -0.43 -31.12 25.74
CA LYS B 46 -0.37 -31.00 27.20
C LYS B 46 0.17 -29.71 27.80
N VAL B 47 -0.16 -29.53 29.09
CA VAL B 47 0.21 -28.38 29.88
C VAL B 47 1.69 -28.34 30.23
N GLY B 48 2.32 -27.19 29.94
CA GLY B 48 3.73 -27.01 30.23
C GLY B 48 3.94 -25.83 31.17
N THR B 49 5.18 -25.63 31.61
CA THR B 49 5.49 -24.54 32.51
C THR B 49 6.72 -23.77 32.05
N ALA B 50 6.68 -22.46 32.23
CA ALA B 50 7.81 -21.62 31.84
C ALA B 50 8.19 -20.75 33.02
N HIS B 51 9.47 -20.79 33.38
CA HIS B 51 10.01 -20.01 34.48
C HIS B 51 11.08 -19.07 33.90
N ILE B 52 10.99 -17.79 34.24
CA ILE B 52 11.94 -16.81 33.71
C ILE B 52 12.55 -16.01 34.86
N ILE B 53 13.87 -15.93 34.93
CA ILE B 53 14.53 -15.20 36.02
C ILE B 53 15.60 -14.23 35.55
N TYR B 54 15.83 -13.21 36.37
CA TYR B 54 16.84 -12.19 36.09
C TYR B 54 17.17 -11.44 37.37
N ASN B 55 18.45 -11.14 37.57
CA ASN B 55 18.86 -10.36 38.75
C ASN B 55 19.99 -9.43 38.28
N SER B 56 20.12 -8.28 38.91
CA SER B 56 21.11 -7.29 38.51
C SER B 56 22.53 -7.59 38.95
N VAL B 57 22.70 -8.60 39.80
CA VAL B 57 24.04 -8.97 40.26
C VAL B 57 24.79 -9.70 39.16
N ASP B 58 24.17 -10.75 38.62
CA ASP B 58 24.77 -11.55 37.54
C ASP B 58 24.42 -10.96 36.17
N LYS B 59 23.37 -10.14 36.12
CA LYS B 59 22.92 -9.52 34.88
C LYS B 59 22.79 -10.61 33.80
N ARG B 60 22.14 -11.71 34.17
CA ARG B 60 21.92 -12.83 33.27
C ARG B 60 20.43 -13.18 33.23
N LEU B 61 19.87 -13.15 32.03
CA LEU B 61 18.46 -13.48 31.83
C LEU B 61 18.38 -14.97 31.46
N SER B 62 17.70 -15.77 32.28
CA SER B 62 17.56 -17.21 32.02
C SER B 62 16.13 -17.70 32.01
N ALA B 63 15.86 -18.73 31.21
CA ALA B 63 14.51 -19.28 31.14
C ALA B 63 14.52 -20.82 31.18
N VAL B 64 13.44 -21.39 31.68
CA VAL B 64 13.33 -22.85 31.74
C VAL B 64 11.92 -23.18 31.29
N VAL B 65 11.79 -24.16 30.42
CA VAL B 65 10.48 -24.58 29.97
C VAL B 65 10.47 -26.07 30.03
N SER B 66 9.46 -26.63 30.68
CA SER B 66 9.38 -28.08 30.81
C SER B 66 7.96 -28.57 30.84
N TYR B 67 7.84 -29.90 30.71
CA TYR B 67 6.58 -30.60 30.74
C TYR B 67 6.71 -31.62 31.86
N PRO B 68 5.68 -31.77 32.71
CA PRO B 68 5.78 -32.74 33.79
C PRO B 68 6.25 -34.14 33.35
N ASN B 69 7.39 -34.56 33.91
CA ASN B 69 8.01 -35.86 33.64
C ASN B 69 8.82 -35.97 32.36
N ALA B 70 8.93 -34.89 31.60
CA ALA B 70 9.70 -34.89 30.37
C ALA B 70 10.99 -34.14 30.65
N ASP B 71 11.81 -33.93 29.62
CA ASP B 71 13.03 -33.18 29.86
C ASP B 71 12.71 -31.69 29.70
N SER B 72 13.54 -30.84 30.29
CA SER B 72 13.31 -29.40 30.21
C SER B 72 14.38 -28.73 29.35
N ALA B 73 14.04 -27.57 28.81
CA ALA B 73 14.96 -26.81 27.98
C ALA B 73 15.39 -25.53 28.71
N THR B 74 16.66 -25.19 28.57
CA THR B 74 17.18 -24.00 29.25
C THR B 74 17.91 -23.09 28.28
N VAL B 75 17.74 -21.79 28.47
CA VAL B 75 18.41 -20.82 27.62
C VAL B 75 18.80 -19.65 28.53
N SER B 76 20.01 -19.12 28.32
CA SER B 76 20.49 -18.00 29.11
C SER B 76 21.31 -17.04 28.27
N TYR B 77 21.28 -15.76 28.63
CA TYR B 77 22.04 -14.77 27.89
C TYR B 77 22.42 -13.65 28.84
N ASP B 78 23.66 -13.17 28.75
CA ASP B 78 24.09 -12.08 29.61
C ASP B 78 23.64 -10.76 28.99
N VAL B 79 22.86 -9.98 29.74
CA VAL B 79 22.37 -8.70 29.25
C VAL B 79 22.11 -7.73 30.39
N ASP B 80 22.53 -6.48 30.19
CA ASP B 80 22.34 -5.46 31.19
C ASP B 80 21.10 -4.62 30.86
N LEU B 81 19.94 -5.18 31.20
CA LEU B 81 18.65 -4.55 30.95
C LEU B 81 18.60 -3.06 31.22
N ASP B 82 19.51 -2.57 32.05
CA ASP B 82 19.56 -1.16 32.41
C ASP B 82 19.69 -0.25 31.22
N ASN B 83 20.49 -0.65 30.24
CA ASN B 83 20.68 0.19 29.07
C ASN B 83 20.05 -0.40 27.82
N VAL B 84 18.92 -1.06 28.01
CA VAL B 84 18.16 -1.66 26.91
C VAL B 84 16.73 -1.20 27.06
N LEU B 85 16.25 -1.24 28.31
CA LEU B 85 14.89 -0.85 28.64
C LEU B 85 14.85 0.45 29.43
N PRO B 86 13.70 1.14 29.42
CA PRO B 86 13.54 2.40 30.17
C PRO B 86 13.28 1.96 31.60
N GLU B 87 13.53 2.81 32.59
CA GLU B 87 13.31 2.35 33.95
C GLU B 87 11.88 1.92 34.27
N TRP B 88 10.89 2.46 33.55
CA TRP B 88 9.50 2.05 33.76
C TRP B 88 9.04 1.29 32.52
N VAL B 89 8.45 0.12 32.73
CA VAL B 89 8.00 -0.73 31.63
C VAL B 89 6.66 -1.40 31.98
N ARG B 90 6.23 -2.26 31.08
CA ARG B 90 5.00 -3.03 31.27
C ARG B 90 5.36 -4.45 30.87
N VAL B 91 4.78 -5.44 31.55
CA VAL B 91 5.08 -6.82 31.22
C VAL B 91 3.82 -7.48 30.70
N GLY B 92 3.98 -8.45 29.81
CA GLY B 92 2.82 -9.13 29.27
C GLY B 92 3.17 -10.39 28.52
N LEU B 93 2.13 -11.00 27.95
CA LEU B 93 2.24 -12.22 27.18
C LEU B 93 1.69 -11.97 25.78
N SER B 94 2.36 -12.51 24.78
CA SER B 94 1.95 -12.34 23.39
C SER B 94 1.90 -13.70 22.67
N ALA B 95 1.08 -13.81 21.63
CA ALA B 95 0.98 -15.06 20.88
C ALA B 95 0.40 -14.78 19.49
N SER B 96 0.64 -15.69 18.56
CA SER B 96 0.11 -15.50 17.23
C SER B 96 0.10 -16.76 16.37
N THR B 97 -0.65 -16.68 15.27
CA THR B 97 -0.75 -17.78 14.31
C THR B 97 -0.67 -17.13 12.93
N GLY B 98 -0.77 -17.94 11.89
CA GLY B 98 -0.71 -17.41 10.54
C GLY B 98 -1.26 -18.46 9.59
N LEU B 99 -0.38 -18.99 8.75
CA LEU B 99 -0.76 -20.03 7.80
C LEU B 99 -1.18 -21.24 8.63
N TYR B 100 -0.34 -21.60 9.60
CA TYR B 100 -0.61 -22.72 10.49
C TYR B 100 -1.12 -22.13 11.78
N LYS B 101 -1.83 -22.94 12.57
CA LYS B 101 -2.37 -22.44 13.82
C LYS B 101 -2.12 -23.40 14.97
N GLU B 102 -2.56 -22.96 16.15
CA GLU B 102 -2.43 -23.69 17.39
C GLU B 102 -3.18 -22.86 18.39
N THR B 103 -3.56 -23.46 19.51
CA THR B 103 -4.23 -22.69 20.54
C THR B 103 -3.07 -22.13 21.35
N ASN B 104 -3.27 -20.99 21.99
CA ASN B 104 -2.23 -20.40 22.84
C ASN B 104 -2.89 -20.03 24.16
N THR B 105 -3.24 -21.07 24.91
CA THR B 105 -3.92 -20.94 26.18
C THR B 105 -3.03 -20.77 27.41
N ILE B 106 -3.29 -19.72 28.19
CA ILE B 106 -2.53 -19.48 29.41
C ILE B 106 -3.43 -19.90 30.58
N LEU B 107 -2.97 -20.87 31.36
CA LEU B 107 -3.74 -21.37 32.48
C LEU B 107 -3.47 -20.66 33.80
N SER B 108 -2.30 -20.04 33.91
CA SER B 108 -1.94 -19.29 35.12
C SER B 108 -0.71 -18.45 34.83
N TRP B 109 -0.58 -17.35 35.57
CA TRP B 109 0.56 -16.44 35.38
C TRP B 109 0.87 -15.63 36.65
N SER B 110 2.13 -15.66 37.07
CA SER B 110 2.53 -14.90 38.26
C SER B 110 3.79 -14.13 37.95
N PHE B 111 3.96 -13.00 38.62
CA PHE B 111 5.12 -12.14 38.43
C PHE B 111 5.54 -11.51 39.75
N THR B 112 6.85 -11.41 39.95
CA THR B 112 7.39 -10.83 41.17
C THR B 112 8.59 -9.98 40.77
N SER B 113 8.63 -8.75 41.28
CA SER B 113 9.70 -7.80 41.00
C SER B 113 10.12 -7.17 42.32
N LYS B 114 11.43 -7.01 42.51
CA LYS B 114 11.94 -6.41 43.75
C LYS B 114 13.09 -5.48 43.46
N LEU B 115 13.08 -4.33 44.11
CA LEU B 115 14.12 -3.34 43.92
C LEU B 115 14.58 -2.78 45.26
N LYS B 116 15.83 -3.01 45.63
CA LYS B 116 16.32 -2.45 46.89
C LYS B 116 17.39 -1.42 46.61
N SER B 117 17.10 -0.18 46.96
CA SER B 117 18.01 0.94 46.74
C SER B 117 19.16 0.92 47.75
N ASN B 118 20.19 1.73 47.52
CA ASN B 118 21.29 1.79 48.46
C ASN B 118 20.93 2.73 49.60
N SER B 119 20.17 2.19 50.52
CA SER B 119 19.62 2.75 51.70
C SER B 119 19.20 1.52 52.43
N THR B 120 19.56 0.39 51.82
CA THR B 120 19.29 -0.76 52.60
C THR B 120 18.00 -1.46 52.38
N HIS B 121 17.47 -1.88 53.52
CA HIS B 121 16.25 -2.63 53.51
C HIS B 121 15.15 -1.91 52.75
N GLU B 122 15.51 -0.80 52.08
CA GLU B 122 14.53 -0.04 51.32
C GLU B 122 14.17 -0.82 50.05
N THR B 123 13.36 -1.85 50.23
CA THR B 123 12.92 -2.71 49.14
C THR B 123 11.52 -2.38 48.67
N ASN B 124 11.39 -2.23 47.36
CA ASN B 124 10.10 -1.98 46.75
C ASN B 124 9.81 -3.29 46.05
N ALA B 125 8.56 -3.74 46.15
CA ALA B 125 8.19 -4.99 45.53
C ALA B 125 6.81 -4.93 44.90
N LEU B 126 6.62 -5.79 43.91
CA LEU B 126 5.35 -5.90 43.21
C LEU B 126 5.16 -7.39 42.97
N HIS B 127 3.94 -7.86 43.18
CA HIS B 127 3.64 -9.26 42.98
C HIS B 127 2.19 -9.50 42.63
N PHE B 128 1.96 -10.26 41.58
CA PHE B 128 0.61 -10.59 41.19
C PHE B 128 0.61 -12.05 40.76
N MET B 129 -0.51 -12.74 40.98
CA MET B 129 -0.62 -14.13 40.62
C MET B 129 -2.01 -14.39 40.07
N PHE B 130 -2.07 -14.96 38.87
CA PHE B 130 -3.35 -15.27 38.24
C PHE B 130 -3.50 -16.78 38.10
N ASN B 131 -4.50 -17.36 38.75
CA ASN B 131 -4.75 -18.79 38.62
C ASN B 131 -6.10 -18.98 37.95
N GLN B 132 -6.89 -17.91 37.95
CA GLN B 132 -8.23 -17.90 37.37
C GLN B 132 -8.39 -16.58 36.64
N PHE B 133 -8.91 -16.61 35.42
CA PHE B 133 -9.13 -15.38 34.66
C PHE B 133 -10.63 -15.17 34.45
N SER B 134 -11.17 -14.08 34.98
CA SER B 134 -12.59 -13.82 34.82
C SER B 134 -12.89 -13.14 33.48
N LYS B 135 -14.15 -13.20 33.05
CA LYS B 135 -14.58 -12.63 31.78
C LYS B 135 -14.31 -11.14 31.71
N ASP B 136 -14.18 -10.51 32.86
CA ASP B 136 -13.91 -9.08 32.95
C ASP B 136 -12.71 -8.85 33.89
N GLN B 137 -11.50 -9.05 33.36
CA GLN B 137 -10.27 -8.91 34.12
C GLN B 137 -9.75 -7.48 34.05
N LYS B 138 -10.33 -6.60 34.87
CA LYS B 138 -9.94 -5.20 34.86
C LYS B 138 -8.48 -4.86 35.15
N ASP B 139 -7.69 -5.81 35.66
CA ASP B 139 -6.28 -5.53 35.93
C ASP B 139 -5.38 -5.94 34.77
N LEU B 140 -6.02 -6.30 33.65
CA LEU B 140 -5.31 -6.70 32.44
C LEU B 140 -5.71 -5.82 31.25
N ILE B 141 -4.75 -5.54 30.39
CA ILE B 141 -5.03 -4.77 29.19
C ILE B 141 -4.99 -5.78 28.06
N LEU B 142 -6.13 -6.00 27.40
CA LEU B 142 -6.16 -6.97 26.31
C LEU B 142 -6.03 -6.27 24.95
N GLN B 143 -5.11 -6.77 24.14
CA GLN B 143 -4.90 -6.22 22.81
C GLN B 143 -5.10 -7.34 21.80
N GLY B 144 -5.37 -6.97 20.55
CA GLY B 144 -5.57 -7.97 19.52
C GLY B 144 -6.76 -8.86 19.79
N ASP B 145 -6.62 -10.16 19.50
CA ASP B 145 -7.70 -11.13 19.71
C ASP B 145 -7.79 -11.73 21.11
N ALA B 146 -6.99 -11.22 22.05
CA ALA B 146 -6.98 -11.76 23.41
C ALA B 146 -8.34 -11.70 24.12
N THR B 147 -8.66 -12.76 24.87
CA THR B 147 -9.91 -12.82 25.62
C THR B 147 -9.73 -13.65 26.89
N THR B 148 -10.51 -13.35 27.91
CA THR B 148 -10.45 -14.07 29.17
C THR B 148 -11.83 -14.52 29.61
N GLY B 149 -11.87 -15.43 30.58
CA GLY B 149 -13.15 -15.90 31.09
C GLY B 149 -13.56 -17.30 30.67
N THR B 150 -13.06 -17.73 29.52
CA THR B 150 -13.37 -19.06 29.02
C THR B 150 -12.66 -20.12 29.83
N ASP B 151 -13.44 -20.90 30.58
CA ASP B 151 -12.88 -21.97 31.39
C ASP B 151 -11.95 -21.39 32.44
N GLY B 152 -11.99 -20.07 32.60
CA GLY B 152 -11.13 -19.40 33.56
C GLY B 152 -9.72 -19.23 33.03
N ASN B 153 -9.53 -19.49 31.75
CA ASN B 153 -8.22 -19.36 31.15
C ASN B 153 -8.12 -18.08 30.32
N LEU B 154 -6.91 -17.78 29.88
CA LEU B 154 -6.67 -16.61 29.05
C LEU B 154 -6.26 -17.12 27.68
N GLU B 155 -7.11 -16.89 26.68
CA GLU B 155 -6.83 -17.33 25.31
C GLU B 155 -6.23 -16.13 24.58
N LEU B 156 -4.95 -16.20 24.25
CA LEU B 156 -4.28 -15.11 23.58
C LEU B 156 -4.69 -14.90 22.13
N THR B 157 -4.98 -15.97 21.40
CA THR B 157 -5.39 -15.86 19.99
C THR B 157 -6.77 -16.45 19.74
N ARG B 158 -7.37 -16.08 18.60
CA ARG B 158 -8.71 -16.55 18.24
C ARG B 158 -8.91 -18.05 18.37
N VAL B 159 -10.07 -18.42 18.92
CA VAL B 159 -10.44 -19.82 19.10
C VAL B 159 -11.92 -19.92 18.74
N SER B 160 -12.28 -20.90 17.91
CA SER B 160 -13.67 -21.08 17.49
C SER B 160 -14.59 -21.47 18.63
N SER B 161 -15.86 -21.60 18.32
CA SER B 161 -16.86 -21.97 19.30
C SER B 161 -16.56 -23.34 19.92
N ASN B 162 -16.07 -24.28 19.12
CA ASN B 162 -15.75 -25.63 19.62
C ASN B 162 -14.36 -25.73 20.21
N GLY B 163 -13.54 -24.71 19.98
CA GLY B 163 -12.19 -24.74 20.52
C GLY B 163 -11.10 -24.87 19.48
N SER B 164 -11.49 -24.88 18.21
CA SER B 164 -10.51 -24.97 17.12
C SER B 164 -9.81 -23.63 16.95
N PRO B 165 -8.47 -23.64 16.89
CA PRO B 165 -7.71 -22.40 16.73
C PRO B 165 -7.85 -21.84 15.32
N GLN B 166 -7.64 -20.54 15.17
CA GLN B 166 -7.76 -19.89 13.87
C GLN B 166 -6.46 -19.28 13.37
N GLY B 167 -6.30 -19.21 12.06
CA GLY B 167 -5.10 -18.66 11.47
C GLY B 167 -5.07 -17.14 11.40
N SER B 168 -3.88 -16.58 11.22
CA SER B 168 -3.70 -15.14 11.15
C SER B 168 -4.36 -14.43 12.33
N SER B 169 -3.84 -14.70 13.52
CA SER B 169 -4.36 -14.10 14.74
C SER B 169 -3.22 -13.61 15.63
N VAL B 170 -3.48 -12.56 16.40
CA VAL B 170 -2.51 -12.00 17.34
C VAL B 170 -3.27 -11.39 18.50
N GLY B 171 -2.65 -11.43 19.67
CA GLY B 171 -3.28 -10.88 20.84
C GLY B 171 -2.28 -10.87 21.97
N ARG B 172 -2.42 -9.91 22.88
CA ARG B 172 -1.51 -9.84 24.00
C ARG B 172 -2.28 -9.46 25.26
N ALA B 173 -1.60 -9.56 26.38
CA ALA B 173 -2.19 -9.22 27.66
C ALA B 173 -1.04 -8.63 28.45
N LEU B 174 -1.20 -7.39 28.87
CA LEU B 174 -0.16 -6.73 29.66
C LEU B 174 -0.74 -6.43 31.04
N PHE B 175 0.06 -6.54 32.10
CA PHE B 175 -0.47 -6.24 33.42
C PHE B 175 -0.72 -4.74 33.45
N TYR B 176 -1.83 -4.34 34.05
CA TYR B 176 -2.22 -2.93 34.09
C TYR B 176 -1.25 -1.91 34.66
N ALA B 177 -0.68 -2.18 35.82
CA ALA B 177 0.24 -1.22 36.43
C ALA B 177 1.65 -1.22 35.84
N PRO B 178 2.25 -0.02 35.71
CA PRO B 178 3.60 0.10 35.18
C PRO B 178 4.51 -0.58 36.18
N VAL B 179 5.64 -1.09 35.72
CA VAL B 179 6.57 -1.77 36.62
C VAL B 179 7.94 -1.07 36.63
N HIS B 180 8.46 -0.84 37.83
CA HIS B 180 9.78 -0.21 37.97
C HIS B 180 10.77 -1.39 37.87
N ILE B 181 11.37 -1.56 36.69
CA ILE B 181 12.28 -2.68 36.44
C ILE B 181 13.72 -2.48 36.85
N TRP B 182 14.17 -1.24 36.95
CA TRP B 182 15.54 -0.94 37.39
C TRP B 182 15.61 0.50 37.88
N GLU B 183 16.53 0.76 38.79
CA GLU B 183 16.71 2.10 39.33
C GLU B 183 18.19 2.41 39.33
N SER B 184 18.52 3.68 39.13
CA SER B 184 19.92 4.11 39.10
C SER B 184 20.69 3.73 40.35
N SER B 185 20.09 4.00 41.51
CA SER B 185 20.70 3.68 42.79
C SER B 185 20.09 2.43 43.38
N ALA B 186 20.30 1.29 42.73
CA ALA B 186 19.74 0.03 43.22
C ALA B 186 20.82 -1.02 43.47
N VAL B 187 20.97 -1.42 44.73
CA VAL B 187 21.95 -2.42 45.12
C VAL B 187 21.66 -3.74 44.42
N VAL B 188 20.39 -4.14 44.47
CA VAL B 188 19.93 -5.37 43.85
C VAL B 188 18.54 -5.16 43.24
N ALA B 189 18.35 -5.70 42.04
CA ALA B 189 17.06 -5.61 41.35
C ALA B 189 16.87 -6.96 40.70
N SER B 190 15.70 -7.55 40.88
CA SER B 190 15.45 -8.85 40.30
C SER B 190 13.97 -9.06 40.04
N PHE B 191 13.68 -10.02 39.17
CA PHE B 191 12.31 -10.36 38.87
C PHE B 191 12.22 -11.81 38.39
N GLU B 192 11.07 -12.42 38.62
CA GLU B 192 10.84 -13.78 38.15
C GLU B 192 9.38 -13.87 37.67
N ALA B 193 9.20 -14.52 36.52
CA ALA B 193 7.87 -14.73 35.94
C ALA B 193 7.65 -16.22 35.69
N THR B 194 6.40 -16.63 35.84
CA THR B 194 6.03 -18.01 35.63
C THR B 194 4.65 -18.07 35.02
N PHE B 195 4.45 -19.03 34.13
CA PHE B 195 3.15 -19.24 33.53
C PHE B 195 3.05 -20.64 32.92
N THR B 196 1.85 -21.21 32.99
CA THR B 196 1.59 -22.52 32.43
C THR B 196 0.74 -22.31 31.17
N PHE B 197 1.08 -23.04 30.11
CA PHE B 197 0.40 -22.90 28.84
C PHE B 197 -0.08 -24.23 28.27
N LEU B 198 -0.96 -24.15 27.28
CA LEU B 198 -1.49 -25.34 26.61
C LEU B 198 -1.60 -25.09 25.12
N ILE B 199 -0.64 -25.63 24.37
CA ILE B 199 -0.63 -25.47 22.92
C ILE B 199 -1.13 -26.73 22.19
N LYS B 200 -2.34 -26.65 21.63
CA LYS B 200 -2.91 -27.78 20.91
C LYS B 200 -3.07 -27.31 19.46
N SER B 201 -2.76 -28.19 18.50
CA SER B 201 -2.87 -27.87 17.09
C SER B 201 -3.49 -28.99 16.27
N PRO B 202 -4.46 -28.65 15.41
CA PRO B 202 -5.12 -29.66 14.58
C PRO B 202 -4.30 -30.01 13.32
N ASP B 203 -3.88 -29.00 12.57
CA ASP B 203 -3.13 -29.26 11.34
C ASP B 203 -1.73 -29.84 11.50
N SER B 204 -1.04 -29.94 10.37
CA SER B 204 0.31 -30.48 10.31
C SER B 204 1.19 -29.96 11.42
N HIS B 205 1.71 -28.75 11.23
CA HIS B 205 2.57 -28.14 12.21
C HIS B 205 1.91 -26.98 12.93
N PRO B 206 2.09 -26.92 14.26
CA PRO B 206 1.50 -25.82 15.02
C PRO B 206 2.38 -24.60 14.78
N ALA B 207 1.81 -23.41 14.97
CA ALA B 207 2.53 -22.16 14.80
C ALA B 207 1.62 -21.05 15.29
N ASP B 208 2.18 -20.01 15.90
CA ASP B 208 3.59 -19.65 15.70
C ASP B 208 4.35 -19.57 17.02
N GLY B 209 3.64 -19.59 18.14
CA GLY B 209 4.30 -19.52 19.42
C GLY B 209 3.72 -18.54 20.43
N ILE B 210 4.34 -18.52 21.60
CA ILE B 210 3.98 -17.64 22.71
C ILE B 210 5.27 -16.97 23.19
N ALA B 211 5.13 -15.81 23.83
CA ALA B 211 6.32 -15.11 24.32
C ALA B 211 6.01 -14.23 25.52
N PHE B 212 6.94 -14.21 26.47
CA PHE B 212 6.81 -13.36 27.64
C PHE B 212 7.63 -12.14 27.24
N PHE B 213 7.09 -10.94 27.43
CA PHE B 213 7.85 -9.75 27.03
C PHE B 213 7.72 -8.58 27.98
N ILE B 214 8.69 -7.67 27.88
CA ILE B 214 8.74 -6.44 28.67
C ILE B 214 8.89 -5.34 27.62
N SER B 215 8.14 -4.24 27.78
CA SER B 215 8.20 -3.15 26.80
C SER B 215 7.93 -1.77 27.40
N ASN B 216 7.96 -0.75 26.55
CA ASN B 216 7.67 0.61 26.97
C ASN B 216 6.17 0.57 27.29
N ILE B 217 5.77 1.33 28.30
CA ILE B 217 4.39 1.34 28.76
C ILE B 217 3.28 1.35 27.71
N ASP B 218 3.33 2.31 26.78
CA ASP B 218 2.29 2.46 25.76
C ASP B 218 2.45 1.57 24.53
N SER B 219 3.17 0.46 24.68
CA SER B 219 3.39 -0.45 23.56
C SER B 219 2.07 -1.04 23.06
N SER B 220 2.04 -1.35 21.76
CA SER B 220 0.87 -1.93 21.11
C SER B 220 1.28 -2.86 19.97
N ILE B 221 0.35 -3.71 19.53
CA ILE B 221 0.61 -4.66 18.46
C ILE B 221 0.95 -3.97 17.13
N PRO B 222 2.15 -4.25 16.58
CA PRO B 222 2.57 -3.65 15.31
C PRO B 222 1.67 -4.21 14.21
N SER B 223 1.46 -3.44 13.15
CA SER B 223 0.63 -3.92 12.07
C SER B 223 1.32 -5.04 11.29
N GLY B 224 0.58 -6.11 11.07
CA GLY B 224 1.11 -7.25 10.34
C GLY B 224 2.07 -8.09 11.16
N SER B 225 2.09 -7.86 12.47
CA SER B 225 2.98 -8.62 13.34
C SER B 225 2.40 -10.00 13.66
N THR B 226 1.60 -10.54 12.75
CA THR B 226 1.03 -11.88 12.92
C THR B 226 2.08 -12.88 12.42
N GLY B 227 1.78 -14.16 12.50
CA GLY B 227 2.72 -15.18 12.07
C GLY B 227 4.07 -15.17 12.76
N ARG B 228 5.13 -15.25 11.96
CA ARG B 228 6.51 -15.30 12.43
C ARG B 228 6.93 -14.15 13.34
N LEU B 229 6.11 -13.09 13.40
CA LEU B 229 6.47 -11.94 14.22
C LEU B 229 5.94 -11.94 15.66
N LEU B 230 5.23 -13.00 16.03
CA LEU B 230 4.72 -13.18 17.39
C LEU B 230 4.06 -11.96 18.02
N GLY B 231 3.52 -11.06 17.20
CA GLY B 231 2.85 -9.87 17.70
C GLY B 231 3.77 -8.94 18.48
N LEU B 232 5.06 -8.99 18.17
CA LEU B 232 6.04 -8.17 18.87
C LEU B 232 6.87 -7.25 18.00
N PHE B 233 7.12 -7.66 16.75
CA PHE B 233 7.94 -6.86 15.85
C PHE B 233 7.28 -6.49 14.53
N PRO B 234 7.54 -5.26 14.04
CA PRO B 234 6.97 -4.78 12.78
C PRO B 234 7.61 -5.45 11.57
N ASP B 235 8.90 -5.76 11.67
CA ASP B 235 9.64 -6.40 10.62
C ASP B 235 10.54 -7.50 11.20
N ALA B 236 11.36 -8.11 10.36
CA ALA B 236 12.26 -9.19 10.81
C ALA B 236 13.73 -8.78 10.78
N ASN B 237 14.02 -7.54 11.16
CA ASN B 237 15.41 -7.06 11.18
C ASN B 237 16.02 -7.35 12.53
N ALA C 1 4.35 12.25 -66.36
CA ALA C 1 3.55 11.10 -65.84
C ALA C 1 3.99 10.74 -64.43
N ASP C 2 3.49 9.61 -63.95
CA ASP C 2 3.83 9.13 -62.61
C ASP C 2 5.31 8.80 -62.54
N THR C 3 5.82 8.67 -61.31
CA THR C 3 7.21 8.31 -61.07
C THR C 3 7.16 6.98 -60.35
N ILE C 4 7.60 5.92 -61.01
CA ILE C 4 7.55 4.59 -60.41
C ILE C 4 8.90 3.97 -60.12
N VAL C 5 8.94 3.19 -59.03
CA VAL C 5 10.11 2.43 -58.60
C VAL C 5 9.41 1.17 -58.16
N ALA C 6 9.77 0.05 -58.77
CA ALA C 6 9.10 -1.19 -58.44
C ALA C 6 9.98 -2.43 -58.47
N VAL C 7 9.53 -3.45 -57.76
CA VAL C 7 10.22 -4.72 -57.73
C VAL C 7 9.14 -5.63 -58.30
N GLU C 8 9.37 -6.16 -59.49
CA GLU C 8 8.39 -7.00 -60.14
C GLU C 8 8.62 -8.49 -59.98
N LEU C 9 7.51 -9.24 -59.94
CA LEU C 9 7.56 -10.68 -59.87
C LEU C 9 6.91 -11.05 -61.19
N ASP C 10 7.72 -10.96 -62.24
CA ASP C 10 7.31 -11.20 -63.62
C ASP C 10 7.11 -12.67 -63.96
N THR C 11 5.87 -13.07 -64.24
CA THR C 11 5.62 -14.47 -64.56
C THR C 11 5.69 -14.86 -66.05
N TYR C 12 5.62 -13.90 -66.95
CA TYR C 12 5.68 -14.20 -68.39
C TYR C 12 6.81 -13.45 -69.07
N PRO C 13 7.60 -14.15 -69.90
CA PRO C 13 8.75 -13.56 -70.63
C PRO C 13 8.41 -12.86 -71.96
N ASN C 14 8.33 -11.54 -71.92
CA ASN C 14 8.06 -10.77 -73.12
C ASN C 14 9.41 -10.29 -73.60
N THR C 15 10.11 -11.21 -74.25
CA THR C 15 11.44 -10.92 -74.78
C THR C 15 11.35 -9.81 -75.81
N ASP C 16 10.13 -9.51 -76.26
CA ASP C 16 9.93 -8.46 -77.25
C ASP C 16 10.10 -7.07 -76.62
N ILE C 17 10.39 -7.03 -75.32
CA ILE C 17 10.60 -5.76 -74.63
C ILE C 17 11.61 -5.85 -73.49
N GLY C 18 12.52 -6.83 -73.53
CA GLY C 18 13.52 -6.92 -72.49
C GLY C 18 13.56 -8.13 -71.59
N ASP C 19 12.39 -8.69 -71.26
CA ASP C 19 12.34 -9.85 -70.38
C ASP C 19 13.29 -10.97 -70.74
N PRO C 20 13.88 -11.62 -69.72
CA PRO C 20 14.81 -12.73 -69.98
C PRO C 20 13.91 -13.88 -70.42
N SER C 21 14.50 -14.97 -70.91
CA SER C 21 13.70 -16.11 -71.37
C SER C 21 13.23 -17.07 -70.27
N TYR C 22 12.63 -16.53 -69.22
CA TYR C 22 12.12 -17.37 -68.13
C TYR C 22 11.46 -16.48 -67.09
N PRO C 23 10.64 -17.05 -66.20
CA PRO C 23 10.00 -16.21 -65.18
C PRO C 23 11.15 -15.56 -64.40
N HIS C 24 11.02 -14.28 -64.06
CA HIS C 24 12.09 -13.61 -63.35
C HIS C 24 11.62 -12.56 -62.34
N ILE C 25 12.56 -12.05 -61.58
CA ILE C 25 12.27 -11.03 -60.60
C ILE C 25 13.20 -9.88 -60.91
N GLY C 26 12.68 -8.67 -60.86
CA GLY C 26 13.52 -7.56 -61.20
C GLY C 26 13.22 -6.23 -60.55
N ILE C 27 14.15 -5.30 -60.76
CA ILE C 27 14.04 -3.96 -60.21
C ILE C 27 13.83 -2.96 -61.34
N ASP C 28 12.69 -2.28 -61.32
CA ASP C 28 12.37 -1.31 -62.35
C ASP C 28 12.46 0.11 -61.83
N ILE C 29 13.10 0.98 -62.59
CA ILE C 29 13.23 2.37 -62.20
C ILE C 29 12.68 3.26 -63.31
N LYS C 30 11.42 3.67 -63.17
CA LYS C 30 10.76 4.53 -64.15
C LYS C 30 10.62 3.89 -65.53
N SER C 31 10.80 2.58 -65.60
CA SER C 31 10.65 1.87 -66.87
C SER C 31 10.38 0.39 -66.68
N VAL C 32 9.54 -0.16 -67.55
CA VAL C 32 9.20 -1.58 -67.48
C VAL C 32 10.42 -2.47 -67.78
N ARG C 33 11.44 -1.87 -68.40
CA ARG C 33 12.67 -2.59 -68.72
C ARG C 33 13.56 -2.57 -67.49
N SER C 34 13.50 -3.65 -66.71
CA SER C 34 14.27 -3.76 -65.47
C SER C 34 15.74 -3.36 -65.60
N LYS C 35 16.27 -2.73 -64.57
CA LYS C 35 17.67 -2.31 -64.58
C LYS C 35 18.52 -3.55 -64.27
N LYS C 36 17.91 -4.49 -63.54
CA LYS C 36 18.57 -5.74 -63.14
C LYS C 36 17.52 -6.83 -62.89
N THR C 37 17.86 -8.08 -63.20
CA THR C 37 16.95 -9.21 -63.01
C THR C 37 17.65 -10.47 -62.51
N ALA C 38 16.85 -11.42 -62.07
CA ALA C 38 17.36 -12.67 -61.56
C ALA C 38 16.33 -13.75 -61.86
N LYS C 39 16.82 -14.93 -62.20
CA LYS C 39 15.93 -16.04 -62.50
C LYS C 39 15.07 -16.41 -61.29
N TRP C 40 13.83 -16.82 -61.54
CA TRP C 40 12.89 -17.18 -60.48
C TRP C 40 12.09 -18.44 -60.81
N ASN C 41 12.13 -19.43 -59.91
CA ASN C 41 11.41 -20.69 -60.09
C ASN C 41 10.04 -20.56 -59.52
N MET C 42 9.17 -19.87 -60.25
CA MET C 42 7.78 -19.69 -59.83
C MET C 42 7.13 -21.06 -59.61
N GLN C 43 6.28 -21.15 -58.59
CA GLN C 43 5.59 -22.40 -58.29
C GLN C 43 4.08 -22.24 -58.30
N ASN C 44 3.47 -22.37 -59.46
CA ASN C 44 2.02 -22.23 -59.54
C ASN C 44 1.39 -23.11 -58.49
N GLY C 45 0.41 -22.57 -57.79
CA GLY C 45 -0.26 -23.35 -56.78
C GLY C 45 0.09 -23.06 -55.35
N LYS C 46 1.33 -22.71 -55.03
CA LYS C 46 1.62 -22.46 -53.62
C LYS C 46 2.03 -21.06 -53.17
N VAL C 47 1.87 -20.83 -51.88
CA VAL C 47 2.19 -19.56 -51.22
C VAL C 47 3.67 -19.28 -51.15
N GLY C 48 4.03 -18.07 -51.59
CA GLY C 48 5.42 -17.65 -51.56
C GLY C 48 5.57 -16.41 -50.71
N THR C 49 6.80 -15.95 -50.50
CA THR C 49 7.06 -14.77 -49.70
C THR C 49 8.05 -13.86 -50.42
N ALA C 50 7.85 -12.55 -50.26
CA ALA C 50 8.74 -11.58 -50.88
C ALA C 50 9.16 -10.59 -49.82
N HIS C 51 10.47 -10.38 -49.71
CA HIS C 51 11.02 -9.45 -48.73
C HIS C 51 11.79 -8.39 -49.52
N ILE C 52 11.53 -7.12 -49.24
CA ILE C 52 12.18 -6.02 -49.95
C ILE C 52 12.82 -5.04 -48.97
N ILE C 53 14.11 -4.76 -49.13
CA ILE C 53 14.81 -3.87 -48.22
C ILE C 53 15.61 -2.76 -48.90
N TYR C 54 15.83 -1.67 -48.16
CA TYR C 54 16.59 -0.54 -48.66
C TYR C 54 16.99 0.32 -47.50
N ASN C 55 18.20 0.86 -47.54
CA ASN C 55 18.63 1.79 -46.50
C ASN C 55 19.47 2.86 -47.21
N SER C 56 19.49 4.06 -46.64
CA SER C 56 20.20 5.18 -47.23
C SER C 56 21.70 5.16 -47.04
N VAL C 57 22.20 4.24 -46.20
CA VAL C 57 23.65 4.15 -45.97
C VAL C 57 24.32 3.46 -47.16
N ASP C 58 23.81 2.30 -47.54
CA ASP C 58 24.35 1.53 -48.65
C ASP C 58 23.71 1.95 -49.98
N LYS C 59 22.54 2.57 -49.88
CA LYS C 59 21.78 3.02 -51.03
C LYS C 59 21.64 1.87 -52.04
N ARG C 60 21.30 0.69 -51.52
CA ARG C 60 21.12 -0.51 -52.31
C ARG C 60 19.73 -1.10 -52.09
N LEU C 61 18.98 -1.26 -53.17
CA LEU C 61 17.64 -1.83 -53.09
C LEU C 61 17.75 -3.33 -53.39
N SER C 62 17.35 -4.17 -52.44
CA SER C 62 17.45 -5.61 -52.62
C SER C 62 16.12 -6.34 -52.35
N ALA C 63 15.93 -7.48 -53.01
CA ALA C 63 14.71 -8.24 -52.83
C ALA C 63 14.98 -9.73 -52.74
N VAL C 64 14.13 -10.43 -52.01
CA VAL C 64 14.26 -11.87 -51.88
C VAL C 64 12.86 -12.45 -52.07
N VAL C 65 12.75 -13.52 -52.85
CA VAL C 65 11.48 -14.16 -53.05
C VAL C 65 11.74 -15.64 -52.92
N SER C 66 10.94 -16.32 -52.12
CA SER C 66 11.17 -17.74 -51.95
C SER C 66 9.90 -18.45 -51.61
N TYR C 67 9.99 -19.77 -51.68
CA TYR C 67 8.91 -20.68 -51.37
C TYR C 67 9.42 -21.58 -50.24
N PRO C 68 8.57 -21.86 -49.24
CA PRO C 68 9.03 -22.71 -48.15
C PRO C 68 9.65 -24.02 -48.62
N ASN C 69 10.92 -24.22 -48.26
CA ASN C 69 11.68 -25.42 -48.60
C ASN C 69 12.27 -25.50 -50.00
N ALA C 70 12.08 -24.47 -50.79
CA ALA C 70 12.63 -24.45 -52.15
C ALA C 70 13.78 -23.44 -52.14
N ASP C 71 14.36 -23.16 -53.29
CA ASP C 71 15.45 -22.19 -53.32
C ASP C 71 14.86 -20.80 -53.49
N SER C 72 15.61 -19.79 -53.07
CA SER C 72 15.14 -18.42 -53.15
C SER C 72 15.90 -17.65 -54.19
N ALA C 73 15.27 -16.59 -54.72
CA ALA C 73 15.88 -15.74 -55.74
C ALA C 73 16.18 -14.40 -55.12
N THR C 74 17.31 -13.82 -55.51
CA THR C 74 17.73 -12.53 -54.98
C THR C 74 18.11 -11.60 -56.11
N VAL C 75 17.81 -10.32 -55.92
CA VAL C 75 18.14 -9.29 -56.91
C VAL C 75 18.45 -8.02 -56.13
N SER C 76 19.48 -7.30 -56.56
CA SER C 76 19.89 -6.07 -55.91
C SER C 76 20.37 -5.07 -56.94
N TYR C 77 20.24 -3.79 -56.62
CA TYR C 77 20.66 -2.75 -57.53
C TYR C 77 20.99 -1.51 -56.71
N ASP C 78 22.10 -0.85 -57.02
CA ASP C 78 22.48 0.35 -56.31
C ASP C 78 21.73 1.55 -56.89
N VAL C 79 20.91 2.20 -56.06
CA VAL C 79 20.16 3.35 -56.52
C VAL C 79 19.93 4.35 -55.39
N ASP C 80 20.10 5.63 -55.71
CA ASP C 80 19.88 6.67 -54.72
C ASP C 80 18.47 7.25 -54.89
N LEU C 81 17.52 6.56 -54.27
CA LEU C 81 16.12 6.95 -54.33
C LEU C 81 15.86 8.44 -54.11
N ASP C 82 16.79 9.13 -53.47
CA ASP C 82 16.64 10.55 -53.18
C ASP C 82 16.40 11.41 -54.41
N ASN C 83 17.13 11.10 -55.54
CA ASN C 83 17.06 11.83 -56.84
C ASN C 83 16.17 11.13 -57.87
N VAL C 84 15.26 10.25 -57.42
CA VAL C 84 14.44 9.47 -58.34
C VAL C 84 12.98 9.67 -57.95
N LEU C 85 12.74 9.66 -56.63
CA LEU C 85 11.40 9.80 -56.09
C LEU C 85 11.26 11.12 -55.35
N PRO C 86 10.02 11.59 -55.19
CA PRO C 86 9.78 12.86 -54.47
C PRO C 86 9.86 12.49 -52.98
N GLU C 87 10.08 13.45 -52.09
CA GLU C 87 10.22 13.06 -50.69
C GLU C 87 8.95 12.43 -50.12
N TRP C 88 7.79 12.76 -50.67
CA TRP C 88 6.54 12.15 -50.20
C TRP C 88 6.01 11.26 -51.29
N VAL C 89 5.72 10.00 -50.95
CA VAL C 89 5.23 9.00 -51.92
C VAL C 89 4.13 8.13 -51.32
N ARG C 90 3.68 7.17 -52.11
CA ARG C 90 2.67 6.21 -51.65
C ARG C 90 3.22 4.85 -52.07
N VAL C 91 2.93 3.83 -51.27
CA VAL C 91 3.42 2.51 -51.60
C VAL C 91 2.21 1.62 -51.84
N GLY C 92 2.38 0.62 -52.72
CA GLY C 92 1.27 -0.27 -53.00
C GLY C 92 1.66 -1.53 -53.75
N LEU C 93 0.64 -2.33 -54.08
CA LEU C 93 0.86 -3.56 -54.83
C LEU C 93 0.07 -3.50 -56.14
N SER C 94 0.67 -4.00 -57.22
CA SER C 94 0.02 -4.01 -58.52
C SER C 94 0.10 -5.40 -59.16
N ALA C 95 -0.87 -5.73 -60.01
CA ALA C 95 -0.89 -7.01 -60.70
C ALA C 95 -1.74 -6.93 -61.97
N SER C 96 -1.53 -7.85 -62.90
CA SER C 96 -2.29 -7.83 -64.13
C SER C 96 -2.22 -9.12 -64.91
N THR C 97 -3.13 -9.24 -65.86
CA THR C 97 -3.20 -10.40 -66.75
C THR C 97 -3.49 -9.83 -68.13
N GLY C 98 -3.62 -10.69 -69.13
CA GLY C 98 -3.90 -10.26 -70.49
C GLY C 98 -4.38 -11.45 -71.27
N LEU C 99 -3.59 -11.88 -72.25
CA LEU C 99 -3.94 -13.05 -73.05
C LEU C 99 -4.00 -14.25 -72.11
N TYR C 100 -2.94 -14.39 -71.30
CA TYR C 100 -2.84 -15.48 -70.32
C TYR C 100 -3.22 -14.93 -68.96
N LYS C 101 -3.64 -15.79 -68.06
CA LYS C 101 -4.04 -15.29 -66.75
C LYS C 101 -3.42 -16.09 -65.63
N GLU C 102 -3.76 -15.68 -64.41
CA GLU C 102 -3.29 -16.31 -63.18
C GLU C 102 -4.01 -15.54 -62.10
N THR C 103 -4.05 -16.10 -60.91
CA THR C 103 -4.67 -15.40 -59.80
C THR C 103 -3.52 -14.58 -59.21
N ASN C 104 -3.81 -13.43 -58.63
CA ASN C 104 -2.77 -12.62 -58.02
C ASN C 104 -3.26 -12.29 -56.62
N THR C 105 -3.24 -13.31 -55.77
CA THR C 105 -3.73 -13.23 -54.41
C THR C 105 -2.68 -12.81 -53.37
N ILE C 106 -3.02 -11.79 -52.58
CA ILE C 106 -2.13 -11.34 -51.51
C ILE C 106 -2.74 -11.82 -50.20
N LEU C 107 -1.99 -12.64 -49.48
CA LEU C 107 -2.46 -13.19 -48.22
C LEU C 107 -2.10 -12.34 -46.99
N SER C 108 -1.02 -11.57 -47.10
CA SER C 108 -0.59 -10.69 -46.02
C SER C 108 0.40 -9.67 -46.57
N TRP C 109 0.51 -8.52 -45.89
CA TRP C 109 1.42 -7.46 -46.31
C TRP C 109 1.78 -6.53 -45.14
N SER C 110 3.07 -6.31 -44.94
CA SER C 110 3.50 -5.42 -43.87
C SER C 110 4.55 -4.45 -44.42
N PHE C 111 4.59 -3.24 -43.86
CA PHE C 111 5.54 -2.23 -44.31
C PHE C 111 6.06 -1.47 -43.09
N THR C 112 7.34 -1.11 -43.14
CA THR C 112 7.98 -0.36 -42.06
C THR C 112 8.93 0.66 -42.68
N SER C 113 8.83 1.90 -42.23
CA SER C 113 9.66 2.98 -42.73
C SER C 113 10.19 3.75 -41.52
N LYS C 114 11.45 4.15 -41.57
CA LYS C 114 12.06 4.90 -40.47
C LYS C 114 12.97 5.99 -41.01
N LEU C 115 12.92 7.16 -40.38
CA LEU C 115 13.71 8.28 -40.81
C LEU C 115 14.30 8.97 -39.58
N LYS C 116 15.62 8.93 -39.43
CA LYS C 116 16.28 9.56 -38.29
C LYS C 116 16.94 10.84 -38.76
N SER C 117 16.41 12.00 -38.34
CA SER C 117 16.95 13.30 -38.75
C SER C 117 18.27 13.68 -38.07
N ASN C 118 18.92 14.70 -38.62
CA ASN C 118 20.19 15.18 -38.08
C ASN C 118 19.97 15.94 -36.78
N SER C 119 19.31 15.30 -35.82
CA SER C 119 19.01 15.82 -34.54
C SER C 119 19.10 14.60 -33.63
N THR C 120 19.69 13.59 -34.24
CA THR C 120 19.91 12.30 -33.63
C THR C 120 18.90 11.96 -32.52
N HIS C 121 18.29 10.78 -32.76
CA HIS C 121 17.24 10.11 -31.97
C HIS C 121 15.97 10.33 -32.72
N GLU C 122 15.58 11.57 -32.67
CA GLU C 122 14.36 11.85 -33.43
C GLU C 122 14.29 11.14 -34.73
N THR C 123 13.63 10.01 -34.52
CA THR C 123 13.27 9.07 -35.51
C THR C 123 11.77 9.16 -35.73
N ASN C 124 11.38 9.15 -36.99
CA ASN C 124 9.98 9.16 -37.36
C ASN C 124 9.81 7.76 -37.96
N ALA C 125 8.72 7.11 -37.60
CA ALA C 125 8.48 5.77 -38.11
C ALA C 125 7.02 5.55 -38.50
N LEU C 126 6.82 4.63 -39.42
CA LEU C 126 5.48 4.28 -39.87
C LEU C 126 5.49 2.77 -40.03
N HIS C 127 4.44 2.13 -39.55
CA HIS C 127 4.37 0.69 -39.66
C HIS C 127 2.94 0.17 -39.78
N PHE C 128 2.71 -0.67 -40.77
CA PHE C 128 1.39 -1.28 -40.86
C PHE C 128 1.57 -2.75 -41.19
N MET C 129 0.61 -3.56 -40.78
CA MET C 129 0.68 -5.00 -41.03
C MET C 129 -0.74 -5.51 -41.34
N PHE C 130 -0.89 -6.19 -42.46
CA PHE C 130 -2.18 -6.74 -42.85
C PHE C 130 -2.09 -8.26 -42.90
N ASN C 131 -2.83 -8.96 -42.05
CA ASN C 131 -2.83 -10.41 -42.09
C ASN C 131 -4.22 -10.87 -42.52
N GLN C 132 -5.17 -9.95 -42.41
CA GLN C 132 -6.57 -10.19 -42.77
C GLN C 132 -7.08 -8.94 -43.50
N PHE C 133 -7.78 -9.15 -44.61
CA PHE C 133 -8.34 -8.02 -45.37
C PHE C 133 -9.86 -8.08 -45.32
N SER C 134 -10.49 -7.06 -44.75
CA SER C 134 -11.95 -7.02 -44.67
C SER C 134 -12.59 -6.51 -45.95
N LYS C 135 -13.86 -6.83 -46.14
CA LYS C 135 -14.61 -6.42 -47.33
C LYS C 135 -14.62 -4.91 -47.50
N ASP C 136 -14.38 -4.19 -46.41
CA ASP C 136 -14.36 -2.74 -46.43
C ASP C 136 -13.09 -2.23 -45.73
N GLN C 137 -11.98 -2.29 -46.45
CA GLN C 137 -10.68 -1.88 -45.93
C GLN C 137 -10.44 -0.39 -46.14
N LYS C 138 -10.97 0.44 -45.25
CA LYS C 138 -10.84 1.88 -45.37
C LYS C 138 -9.44 2.48 -45.38
N ASP C 139 -8.44 1.71 -44.98
CA ASP C 139 -7.06 2.22 -44.99
C ASP C 139 -6.31 1.85 -46.27
N LEU C 140 -7.07 1.37 -47.25
CA LEU C 140 -6.52 0.99 -48.55
C LEU C 140 -7.28 1.69 -49.67
N ILE C 141 -6.54 2.09 -50.70
CA ILE C 141 -7.14 2.72 -51.87
C ILE C 141 -7.11 1.64 -52.93
N LEU C 142 -8.28 1.20 -53.38
CA LEU C 142 -8.33 0.15 -54.41
C LEU C 142 -8.55 0.76 -55.79
N GLN C 143 -7.71 0.39 -56.75
CA GLN C 143 -7.80 0.88 -58.11
C GLN C 143 -7.97 -0.32 -59.04
N GLY C 144 -8.52 -0.08 -60.21
CA GLY C 144 -8.73 -1.17 -61.15
C GLY C 144 -9.67 -2.24 -60.63
N ASP C 145 -9.35 -3.51 -60.89
CA ASP C 145 -10.19 -4.62 -60.48
C ASP C 145 -9.96 -5.15 -59.06
N ALA C 146 -9.09 -4.48 -58.28
CA ALA C 146 -8.79 -4.94 -56.92
C ALA C 146 -9.99 -5.04 -56.01
N THR C 147 -9.98 -6.08 -55.18
CA THR C 147 -11.06 -6.29 -54.21
C THR C 147 -10.52 -6.98 -52.96
N THR C 148 -11.16 -6.72 -51.82
CA THR C 148 -10.75 -7.33 -50.56
C THR C 148 -11.94 -7.95 -49.88
N GLY C 149 -11.69 -8.81 -48.89
CA GLY C 149 -12.76 -9.44 -48.14
C GLY C 149 -12.97 -10.92 -48.42
N THR C 150 -12.61 -11.34 -49.62
CA THR C 150 -12.76 -12.73 -50.01
C THR C 150 -11.75 -13.61 -49.30
N ASP C 151 -12.25 -14.45 -48.39
CA ASP C 151 -11.38 -15.35 -47.65
C ASP C 151 -10.39 -14.55 -46.81
N GLY C 152 -10.64 -13.26 -46.67
CA GLY C 152 -9.76 -12.40 -45.89
C GLY C 152 -8.51 -11.99 -46.67
N ASN C 153 -8.47 -12.35 -47.95
CA ASN C 153 -7.34 -12.04 -48.80
C ASN C 153 -7.61 -10.81 -49.68
N LEU C 154 -6.55 -10.33 -50.33
CA LEU C 154 -6.64 -9.20 -51.25
C LEU C 154 -6.40 -9.73 -52.66
N GLU C 155 -7.45 -9.73 -53.48
CA GLU C 155 -7.34 -10.20 -54.86
C GLU C 155 -7.10 -8.97 -55.75
N LEU C 156 -5.90 -8.85 -56.31
CA LEU C 156 -5.56 -7.72 -57.14
C LEU C 156 -6.22 -7.69 -58.52
N THR C 157 -6.43 -8.86 -59.13
CA THR C 157 -7.06 -8.93 -60.45
C THR C 157 -8.35 -9.75 -60.44
N ARG C 158 -9.20 -9.54 -61.45
CA ARG C 158 -10.48 -10.25 -61.55
C ARG C 158 -10.39 -11.74 -61.33
N VAL C 159 -11.35 -12.26 -60.57
CA VAL C 159 -11.44 -13.69 -60.28
C VAL C 159 -12.93 -14.07 -60.35
N SER C 160 -13.25 -15.12 -61.09
CA SER C 160 -14.64 -15.56 -61.23
C SER C 160 -15.27 -16.01 -59.92
N SER C 161 -16.55 -16.38 -60.00
CA SER C 161 -17.28 -16.84 -58.83
C SER C 161 -16.63 -18.08 -58.21
N ASN C 162 -16.12 -19.00 -59.05
CA ASN C 162 -15.50 -20.24 -58.57
C ASN C 162 -14.03 -20.06 -58.23
N GLY C 163 -13.46 -18.92 -58.61
CA GLY C 163 -12.06 -18.70 -58.33
C GLY C 163 -11.16 -18.72 -59.55
N SER C 164 -11.75 -18.87 -60.74
CA SER C 164 -10.95 -18.89 -61.96
C SER C 164 -10.53 -17.46 -62.30
N PRO C 165 -9.25 -17.25 -62.61
CA PRO C 165 -8.74 -15.92 -62.95
C PRO C 165 -9.21 -15.49 -64.35
N GLN C 166 -9.29 -14.19 -64.57
CA GLN C 166 -9.73 -13.67 -65.87
C GLN C 166 -8.64 -12.89 -66.58
N GLY C 167 -8.73 -12.87 -67.92
CA GLY C 167 -7.74 -12.17 -68.73
C GLY C 167 -7.99 -10.68 -68.82
N SER C 168 -6.96 -9.95 -69.27
CA SER C 168 -7.05 -8.50 -69.43
C SER C 168 -7.62 -7.81 -68.21
N SER C 169 -6.89 -7.92 -67.09
CA SER C 169 -7.31 -7.31 -65.84
C SER C 169 -6.13 -6.57 -65.19
N VAL C 170 -6.44 -5.53 -64.43
CA VAL C 170 -5.42 -4.78 -63.71
C VAL C 170 -6.05 -4.23 -62.46
N GLY C 171 -5.24 -4.07 -61.42
CA GLY C 171 -5.75 -3.54 -60.17
C GLY C 171 -4.60 -3.30 -59.24
N ARG C 172 -4.75 -2.33 -58.35
CA ARG C 172 -3.69 -2.05 -57.41
C ARG C 172 -4.30 -1.73 -56.06
N ALA C 173 -3.44 -1.67 -55.05
CA ALA C 173 -3.86 -1.35 -53.71
C ALA C 173 -2.71 -0.52 -53.14
N LEU C 174 -3.01 0.70 -52.74
CA LEU C 174 -2.00 1.59 -52.17
C LEU C 174 -2.38 1.88 -50.71
N PHE C 175 -1.40 1.98 -49.82
CA PHE C 175 -1.74 2.29 -48.44
C PHE C 175 -2.23 3.74 -48.43
N TYR C 176 -3.29 3.99 -47.66
CA TYR C 176 -3.90 5.31 -47.62
C TYR C 176 -3.03 6.51 -47.28
N ALA C 177 -2.25 6.43 -46.21
CA ALA C 177 -1.41 7.56 -45.81
C ALA C 177 -0.14 7.76 -46.62
N PRO C 178 0.20 9.03 -46.93
CA PRO C 178 1.40 9.32 -47.69
C PRO C 178 2.59 8.87 -46.82
N VAL C 179 3.70 8.53 -47.45
CA VAL C 179 4.87 8.07 -46.72
C VAL C 179 6.06 8.96 -46.98
N HIS C 180 6.73 9.40 -45.91
CA HIS C 180 7.92 10.23 -46.04
C HIS C 180 9.05 9.23 -46.27
N ILE C 181 9.49 9.09 -47.52
CA ILE C 181 10.51 8.11 -47.87
C ILE C 181 11.97 8.59 -47.71
N TRP C 182 12.18 9.89 -47.76
CA TRP C 182 13.52 10.44 -47.58
C TRP C 182 13.43 11.90 -47.17
N GLU C 183 14.44 12.37 -46.44
CA GLU C 183 14.45 13.76 -45.99
C GLU C 183 15.84 14.31 -46.27
N SER C 184 15.91 15.59 -46.59
CA SER C 184 17.18 16.24 -46.89
C SER C 184 18.20 16.07 -45.76
N SER C 185 17.76 16.32 -44.52
CA SER C 185 18.64 16.20 -43.37
C SER C 185 18.36 14.91 -42.60
N ALA C 186 18.64 13.78 -43.24
CA ALA C 186 18.41 12.49 -42.62
C ALA C 186 19.67 11.66 -42.52
N VAL C 187 20.10 11.36 -41.29
CA VAL C 187 21.30 10.56 -41.04
C VAL C 187 21.12 9.17 -41.63
N VAL C 188 19.97 8.58 -41.35
CA VAL C 188 19.67 7.24 -41.85
C VAL C 188 18.19 7.14 -42.20
N ALA C 189 17.89 6.51 -43.32
CA ALA C 189 16.50 6.34 -43.76
C ALA C 189 16.42 4.94 -44.29
N SER C 190 15.44 4.18 -43.86
CA SER C 190 15.32 2.83 -44.36
C SER C 190 13.88 2.35 -44.34
N PHE C 191 13.60 1.32 -45.12
CA PHE C 191 12.26 0.74 -45.16
C PHE C 191 12.35 -0.72 -45.55
N GLU C 192 11.37 -1.51 -45.11
CA GLU C 192 11.31 -2.92 -45.47
C GLU C 192 9.87 -3.32 -45.70
N ALA C 193 9.64 -4.06 -46.77
CA ALA C 193 8.30 -4.51 -47.12
C ALA C 193 8.29 -6.03 -47.26
N THR C 194 7.16 -6.64 -46.90
CA THR C 194 7.01 -8.07 -46.99
C THR C 194 5.59 -8.40 -47.35
N PHE C 195 5.41 -9.43 -48.16
CA PHE C 195 4.06 -9.87 -48.50
C PHE C 195 4.10 -11.31 -49.00
N THR C 196 3.03 -12.04 -48.74
CA THR C 196 2.92 -13.43 -49.18
C THR C 196 1.85 -13.44 -50.27
N PHE C 197 2.11 -14.18 -51.34
CA PHE C 197 1.19 -14.23 -52.47
C PHE C 197 0.88 -15.66 -52.87
N LEU C 198 -0.13 -15.80 -53.72
CA LEU C 198 -0.54 -17.11 -54.22
C LEU C 198 -0.93 -17.02 -55.69
N ILE C 199 -0.03 -17.44 -56.56
CA ILE C 199 -0.29 -17.39 -58.00
C ILE C 199 -0.68 -18.74 -58.59
N LYS C 200 -1.96 -18.89 -58.91
CA LYS C 200 -2.46 -20.13 -59.49
C LYS C 200 -2.92 -19.78 -60.90
N SER C 201 -2.65 -20.68 -61.85
CA SER C 201 -3.05 -20.45 -63.24
C SER C 201 -3.57 -21.70 -63.90
N PRO C 202 -4.72 -21.61 -64.59
CA PRO C 202 -5.32 -22.75 -65.28
C PRO C 202 -4.69 -23.06 -66.64
N ASP C 203 -4.60 -22.06 -67.49
CA ASP C 203 -4.05 -22.28 -68.82
C ASP C 203 -2.56 -22.60 -68.88
N SER C 204 -2.06 -22.67 -70.10
CA SER C 204 -0.67 -22.97 -70.37
C SER C 204 0.27 -22.21 -69.44
N HIS C 205 0.51 -20.93 -69.77
CA HIS C 205 1.40 -20.07 -68.99
C HIS C 205 0.69 -19.05 -68.18
N PRO C 206 1.12 -18.91 -66.94
CA PRO C 206 0.46 -17.88 -66.13
C PRO C 206 1.04 -16.57 -66.61
N ALA C 207 0.34 -15.47 -66.36
CA ALA C 207 0.78 -14.13 -66.73
C ALA C 207 -0.19 -13.16 -66.08
N ASP C 208 0.32 -12.02 -65.62
CA ASP C 208 1.58 -11.47 -66.09
C ASP C 208 2.51 -11.17 -64.93
N GLY C 209 1.99 -11.18 -63.70
CA GLY C 209 2.84 -10.92 -62.55
C GLY C 209 2.28 -9.99 -61.50
N ILE C 210 3.08 -9.80 -60.46
CA ILE C 210 2.76 -8.93 -59.32
C ILE C 210 3.98 -8.02 -59.10
N ALA C 211 3.76 -6.86 -58.49
CA ALA C 211 4.86 -5.94 -58.23
C ALA C 211 4.63 -5.04 -57.04
N PHE C 212 5.69 -4.78 -56.29
CA PHE C 212 5.62 -3.89 -55.15
C PHE C 212 6.12 -2.58 -55.75
N PHE C 213 5.43 -1.47 -55.48
CA PHE C 213 5.88 -0.21 -56.05
C PHE C 213 5.70 1.00 -55.15
N ILE C 214 6.47 2.04 -55.46
CA ILE C 214 6.45 3.32 -54.76
C ILE C 214 6.23 4.35 -55.85
N SER C 215 5.33 5.30 -55.62
CA SER C 215 5.02 6.32 -56.62
C SER C 215 4.63 7.68 -56.06
N ASN C 216 4.34 8.63 -56.94
CA ASN C 216 3.90 9.95 -56.51
C ASN C 216 2.53 9.68 -55.91
N ILE C 217 2.13 10.47 -54.91
CA ILE C 217 0.88 10.26 -54.21
C ILE C 217 -0.38 10.02 -55.02
N ASP C 218 -0.62 10.88 -56.02
CA ASP C 218 -1.82 10.79 -56.85
C ASP C 218 -1.72 9.89 -58.07
N SER C 219 -0.84 8.90 -58.00
CA SER C 219 -0.66 7.96 -59.09
C SER C 219 -1.91 7.13 -59.32
N SER C 220 -2.12 6.75 -60.59
CA SER C 220 -3.28 5.95 -60.97
C SER C 220 -2.92 5.01 -62.15
N ILE C 221 -3.72 3.97 -62.34
CA ILE C 221 -3.45 3.02 -63.41
C ILE C 221 -3.46 3.68 -64.79
N PRO C 222 -2.37 3.53 -65.56
CA PRO C 222 -2.29 4.11 -66.91
C PRO C 222 -3.22 3.35 -67.82
N SER C 223 -3.79 4.02 -68.82
CA SER C 223 -4.69 3.32 -69.72
C SER C 223 -3.95 2.29 -70.57
N GLY C 224 -4.50 1.08 -70.61
CA GLY C 224 -3.91 0.00 -71.38
C GLY C 224 -2.72 -0.64 -70.70
N SER C 225 -2.50 -0.30 -69.43
CA SER C 225 -1.36 -0.88 -68.72
C SER C 225 -1.65 -2.31 -68.23
N THR C 226 -2.48 -3.03 -68.97
CA THR C 226 -2.74 -4.42 -68.62
C THR C 226 -1.63 -5.26 -69.26
N GLY C 227 -1.68 -6.57 -69.09
CA GLY C 227 -0.67 -7.44 -69.67
C GLY C 227 0.76 -7.15 -69.25
N ARG C 228 1.67 -7.15 -70.22
CA ARG C 228 3.10 -6.90 -69.98
C ARG C 228 3.43 -5.62 -69.19
N LEU C 229 2.47 -4.72 -69.05
CA LEU C 229 2.76 -3.46 -68.35
C LEU C 229 2.50 -3.45 -66.86
N LEU C 230 2.07 -4.60 -66.31
CA LEU C 230 1.84 -4.76 -64.89
C LEU C 230 1.06 -3.65 -64.18
N GLY C 231 0.27 -2.89 -64.93
CA GLY C 231 -0.51 -1.81 -64.34
C GLY C 231 0.34 -0.67 -63.82
N LEU C 232 1.57 -0.56 -64.33
CA LEU C 232 2.48 0.47 -63.89
C LEU C 232 3.00 1.45 -64.93
N PHE C 233 3.07 1.01 -66.19
CA PHE C 233 3.61 1.86 -67.24
C PHE C 233 2.68 2.04 -68.44
N PRO C 234 2.62 3.27 -68.97
CA PRO C 234 1.76 3.56 -70.13
C PRO C 234 2.29 2.91 -71.41
N ASP C 235 3.61 2.83 -71.52
CA ASP C 235 4.28 2.24 -72.68
C ASP C 235 5.43 1.35 -72.24
N ALA C 236 6.21 0.84 -73.18
CA ALA C 236 7.33 -0.03 -72.84
C ALA C 236 8.68 0.62 -73.13
N ASN C 237 8.81 1.91 -72.89
CA ASN C 237 10.07 2.60 -73.12
C ASN C 237 10.94 2.49 -71.88
N ALA D 1 -23.58 15.45 -34.66
CA ALA D 1 -23.24 14.61 -35.85
C ALA D 1 -21.90 13.89 -35.65
N ASP D 2 -21.06 14.43 -34.76
CA ASP D 2 -19.75 13.84 -34.48
C ASP D 2 -19.74 13.03 -33.19
N THR D 3 -19.03 11.90 -33.22
CA THR D 3 -18.89 11.06 -32.05
C THR D 3 -17.49 11.29 -31.54
N ILE D 4 -17.36 11.79 -30.32
CA ILE D 4 -16.06 12.07 -29.76
C ILE D 4 -15.78 11.34 -28.45
N VAL D 5 -14.56 10.81 -28.33
CA VAL D 5 -14.10 10.16 -27.11
C VAL D 5 -12.75 10.81 -26.93
N ALA D 6 -12.54 11.42 -25.76
CA ALA D 6 -11.28 12.11 -25.54
C ALA D 6 -10.79 12.14 -24.12
N VAL D 7 -9.48 12.32 -24.00
CA VAL D 7 -8.83 12.45 -22.70
C VAL D 7 -8.36 13.90 -22.75
N GLU D 8 -8.94 14.73 -21.89
CA GLU D 8 -8.58 16.13 -21.89
C GLU D 8 -7.58 16.50 -20.80
N LEU D 9 -6.68 17.41 -21.16
CA LEU D 9 -5.71 17.95 -20.22
C LEU D 9 -6.24 19.37 -20.01
N ASP D 10 -7.30 19.46 -19.21
CA ASP D 10 -7.98 20.71 -18.92
C ASP D 10 -7.16 21.60 -17.98
N THR D 11 -6.63 22.69 -18.50
CA THR D 11 -5.84 23.61 -17.69
C THR D 11 -6.74 24.73 -17.13
N TYR D 12 -8.05 24.57 -17.28
CA TYR D 12 -8.94 25.63 -16.84
C TYR D 12 -10.25 25.20 -16.20
N PRO D 13 -10.61 25.81 -15.06
CA PRO D 13 -11.84 25.52 -14.32
C PRO D 13 -13.06 26.32 -14.72
N ASN D 14 -13.87 25.74 -15.60
CA ASN D 14 -15.10 26.36 -16.03
C ASN D 14 -16.11 25.66 -15.16
N THR D 15 -16.05 26.00 -13.88
CA THR D 15 -16.93 25.43 -12.88
C THR D 15 -18.40 25.66 -13.19
N ASP D 16 -18.67 26.40 -14.26
CA ASP D 16 -20.05 26.66 -14.64
C ASP D 16 -20.58 25.60 -15.60
N ILE D 17 -19.77 24.57 -15.86
CA ILE D 17 -20.19 23.50 -16.74
C ILE D 17 -19.71 22.13 -16.26
N GLY D 18 -19.26 22.04 -15.02
CA GLY D 18 -18.81 20.76 -14.49
C GLY D 18 -17.39 20.69 -13.97
N ASP D 19 -16.49 21.41 -14.61
CA ASP D 19 -15.08 21.42 -14.21
C ASP D 19 -14.86 21.55 -12.71
N PRO D 20 -13.97 20.73 -12.15
CA PRO D 20 -13.72 20.87 -10.72
C PRO D 20 -13.03 22.23 -10.58
N SER D 21 -12.76 22.68 -9.36
CA SER D 21 -12.14 23.99 -9.18
C SER D 21 -10.60 24.01 -9.20
N TYR D 22 -10.01 23.28 -10.14
CA TYR D 22 -8.55 23.22 -10.28
C TYR D 22 -8.17 22.49 -11.55
N PRO D 23 -6.91 22.62 -11.99
CA PRO D 23 -6.48 21.93 -13.22
C PRO D 23 -6.72 20.43 -13.04
N HIS D 24 -7.10 19.76 -14.13
CA HIS D 24 -7.41 18.34 -14.02
C HIS D 24 -7.29 17.65 -15.36
N ILE D 25 -7.37 16.32 -15.31
CA ILE D 25 -7.36 15.51 -16.52
C ILE D 25 -8.65 14.73 -16.40
N GLY D 26 -9.29 14.44 -17.53
CA GLY D 26 -10.53 13.72 -17.49
C GLY D 26 -10.83 12.97 -18.77
N ILE D 27 -11.82 12.08 -18.69
CA ILE D 27 -12.24 11.27 -19.83
C ILE D 27 -13.62 11.72 -20.28
N ASP D 28 -13.73 12.14 -21.54
CA ASP D 28 -15.00 12.62 -22.10
C ASP D 28 -15.61 11.66 -23.11
N ILE D 29 -16.89 11.35 -22.94
CA ILE D 29 -17.57 10.47 -23.87
C ILE D 29 -18.75 11.22 -24.48
N LYS D 30 -18.54 11.79 -25.66
CA LYS D 30 -19.59 12.53 -26.36
C LYS D 30 -20.10 13.76 -25.63
N SER D 31 -19.34 14.24 -24.66
CA SER D 31 -19.72 15.43 -23.89
C SER D 31 -18.52 16.09 -23.22
N VAL D 32 -18.53 17.41 -23.11
CA VAL D 32 -17.42 18.13 -22.49
C VAL D 32 -17.44 17.91 -20.99
N ARG D 33 -18.55 17.41 -20.46
CA ARG D 33 -18.67 17.13 -19.02
C ARG D 33 -18.08 15.73 -18.76
N SER D 34 -16.81 15.72 -18.40
CA SER D 34 -16.06 14.50 -18.13
C SER D 34 -16.82 13.47 -17.30
N LYS D 35 -16.66 12.19 -17.63
CA LYS D 35 -17.32 11.12 -16.90
C LYS D 35 -16.56 10.92 -15.58
N LYS D 36 -15.26 11.13 -15.61
CA LYS D 36 -14.43 11.03 -14.42
C LYS D 36 -13.22 11.95 -14.57
N THR D 37 -12.85 12.62 -13.48
CA THR D 37 -11.71 13.52 -13.51
C THR D 37 -10.66 13.14 -12.47
N ALA D 38 -9.59 13.93 -12.40
CA ALA D 38 -8.52 13.71 -11.44
C ALA D 38 -7.66 14.96 -11.36
N LYS D 39 -7.40 15.39 -10.14
CA LYS D 39 -6.60 16.59 -9.92
C LYS D 39 -5.25 16.48 -10.61
N TRP D 40 -4.87 17.54 -11.33
CA TRP D 40 -3.61 17.57 -12.07
C TRP D 40 -2.74 18.78 -11.75
N ASN D 41 -1.51 18.53 -11.30
CA ASN D 41 -0.55 19.57 -10.95
C ASN D 41 0.14 20.08 -12.22
N MET D 42 -0.64 20.57 -13.17
CA MET D 42 -0.11 21.09 -14.44
C MET D 42 1.11 21.95 -14.14
N GLN D 43 2.13 21.95 -15.00
CA GLN D 43 3.36 22.74 -14.80
C GLN D 43 3.73 23.57 -16.01
N ASN D 44 3.63 24.89 -15.88
CA ASN D 44 3.92 25.85 -16.96
C ASN D 44 5.39 26.06 -17.24
N GLY D 45 5.74 25.91 -18.51
CA GLY D 45 7.12 26.06 -18.92
C GLY D 45 7.85 24.73 -18.91
N LYS D 46 7.20 23.69 -18.38
CA LYS D 46 7.81 22.38 -18.29
C LYS D 46 7.21 21.34 -19.24
N VAL D 47 8.08 20.57 -19.90
CA VAL D 47 7.65 19.52 -20.80
C VAL D 47 7.05 18.36 -20.01
N GLY D 48 5.84 17.97 -20.37
CA GLY D 48 5.17 16.89 -19.70
C GLY D 48 4.93 15.73 -20.64
N THR D 49 4.35 14.66 -20.10
CA THR D 49 4.08 13.46 -20.88
C THR D 49 2.71 12.87 -20.57
N ALA D 50 2.02 12.47 -21.62
CA ALA D 50 0.70 11.87 -21.46
C ALA D 50 0.75 10.52 -22.12
N HIS D 51 0.21 9.54 -21.40
CA HIS D 51 0.17 8.17 -21.85
C HIS D 51 -1.28 7.67 -21.77
N ILE D 52 -1.83 7.21 -22.88
CA ILE D 52 -3.20 6.70 -22.92
C ILE D 52 -3.18 5.23 -23.38
N ILE D 53 -3.98 4.39 -22.71
CA ILE D 53 -4.05 2.97 -23.06
C ILE D 53 -5.48 2.43 -22.98
N TYR D 54 -5.70 1.31 -23.64
CA TYR D 54 -7.01 0.70 -23.66
C TYR D 54 -6.95 -0.68 -24.31
N ASN D 55 -7.72 -1.63 -23.77
CA ASN D 55 -7.76 -2.96 -24.38
C ASN D 55 -9.20 -3.49 -24.30
N SER D 56 -9.57 -4.34 -25.25
CA SER D 56 -10.92 -4.88 -25.29
C SER D 56 -11.22 -5.96 -24.26
N VAL D 57 -10.18 -6.53 -23.65
CA VAL D 57 -10.37 -7.55 -22.64
C VAL D 57 -10.95 -6.94 -21.37
N ASP D 58 -10.35 -5.85 -20.91
CA ASP D 58 -10.79 -5.15 -19.69
C ASP D 58 -11.77 -4.01 -19.97
N LYS D 59 -11.71 -3.48 -21.19
CA LYS D 59 -12.59 -2.39 -21.57
C LYS D 59 -12.49 -1.22 -20.59
N ARG D 60 -11.26 -0.84 -20.27
CA ARG D 60 -11.03 0.28 -19.38
C ARG D 60 -10.11 1.25 -20.13
N LEU D 61 -10.46 2.53 -20.11
CA LEU D 61 -9.65 3.56 -20.76
C LEU D 61 -8.88 4.26 -19.63
N SER D 62 -7.56 4.25 -19.72
CA SER D 62 -6.74 4.86 -18.68
C SER D 62 -5.74 5.86 -19.24
N ALA D 63 -5.38 6.85 -18.43
CA ALA D 63 -4.44 7.86 -18.85
C ALA D 63 -3.57 8.27 -17.68
N VAL D 64 -2.32 8.60 -18.02
CA VAL D 64 -1.37 9.06 -17.02
C VAL D 64 -0.68 10.28 -17.58
N VAL D 65 -0.57 11.31 -16.75
CA VAL D 65 0.13 12.53 -17.17
C VAL D 65 1.13 12.84 -16.07
N SER D 66 2.38 13.05 -16.45
CA SER D 66 3.39 13.35 -15.44
C SER D 66 4.47 14.29 -15.96
N TYR D 67 5.27 14.80 -15.03
CA TYR D 67 6.38 15.67 -15.34
C TYR D 67 7.59 14.98 -14.69
N PRO D 68 8.78 15.12 -15.28
CA PRO D 68 9.96 14.48 -14.69
C PRO D 68 10.12 14.90 -13.23
N ASN D 69 10.21 13.90 -12.33
CA ASN D 69 10.39 14.12 -10.89
C ASN D 69 9.13 14.41 -10.09
N ALA D 70 8.16 15.10 -10.70
CA ALA D 70 6.90 15.38 -9.99
C ALA D 70 6.10 14.08 -9.97
N ASP D 71 4.91 14.08 -9.40
CA ASP D 71 4.14 12.85 -9.41
C ASP D 71 3.27 12.75 -10.67
N SER D 72 2.41 11.74 -10.68
CA SER D 72 1.56 11.49 -11.83
C SER D 72 0.09 11.60 -11.51
N ALA D 73 -0.66 12.16 -12.45
CA ALA D 73 -2.10 12.28 -12.30
C ALA D 73 -2.60 11.08 -13.10
N THR D 74 -3.55 10.35 -12.56
CA THR D 74 -4.08 9.19 -13.27
C THR D 74 -5.60 9.21 -13.25
N VAL D 75 -6.20 8.68 -14.30
CA VAL D 75 -7.66 8.63 -14.36
C VAL D 75 -8.06 7.45 -15.22
N SER D 76 -9.10 6.72 -14.81
CA SER D 76 -9.59 5.56 -15.56
C SER D 76 -11.10 5.51 -15.56
N TYR D 77 -11.66 4.94 -16.62
CA TYR D 77 -13.10 4.84 -16.75
C TYR D 77 -13.46 3.58 -17.54
N ASP D 78 -14.39 2.80 -17.02
CA ASP D 78 -14.81 1.58 -17.69
C ASP D 78 -15.81 1.90 -18.80
N VAL D 79 -15.43 1.64 -20.05
CA VAL D 79 -16.32 1.90 -21.18
C VAL D 79 -16.06 0.94 -22.34
N ASP D 80 -17.13 0.37 -22.88
CA ASP D 80 -16.98 -0.52 -24.02
C ASP D 80 -17.07 0.36 -25.26
N LEU D 81 -15.91 0.58 -25.88
CA LEU D 81 -15.84 1.43 -27.07
C LEU D 81 -16.59 0.87 -28.28
N ASP D 82 -16.97 -0.41 -28.20
CA ASP D 82 -17.70 -1.03 -29.30
C ASP D 82 -19.11 -0.46 -29.43
N ASN D 83 -19.60 0.14 -28.37
CA ASN D 83 -20.94 0.71 -28.36
C ASN D 83 -20.90 2.23 -28.32
N VAL D 84 -19.74 2.82 -28.64
CA VAL D 84 -19.63 4.26 -28.63
C VAL D 84 -19.08 4.81 -29.94
N LEU D 85 -18.16 4.07 -30.54
CA LEU D 85 -17.54 4.50 -31.79
C LEU D 85 -17.79 3.55 -32.96
N PRO D 86 -17.73 4.09 -34.18
CA PRO D 86 -17.94 3.30 -35.39
C PRO D 86 -16.70 2.41 -35.55
N GLU D 87 -16.78 1.41 -36.42
CA GLU D 87 -15.66 0.51 -36.63
C GLU D 87 -14.38 1.25 -37.09
N TRP D 88 -14.53 2.20 -38.00
CA TRP D 88 -13.39 2.98 -38.48
C TRP D 88 -13.48 4.39 -37.95
N VAL D 89 -12.38 4.87 -37.36
CA VAL D 89 -12.32 6.20 -36.78
C VAL D 89 -11.01 6.86 -37.20
N ARG D 90 -10.79 8.07 -36.69
CA ARG D 90 -9.57 8.82 -36.97
C ARG D 90 -9.11 9.35 -35.61
N VAL D 91 -7.81 9.32 -35.33
CA VAL D 91 -7.33 9.79 -34.04
C VAL D 91 -6.56 11.09 -34.19
N GLY D 92 -6.54 11.90 -33.14
CA GLY D 92 -5.83 13.16 -33.23
C GLY D 92 -5.66 13.94 -31.93
N LEU D 93 -5.11 15.14 -32.08
CA LEU D 93 -4.88 16.05 -30.98
C LEU D 93 -5.59 17.39 -31.23
N SER D 94 -6.12 17.98 -30.16
CA SER D 94 -6.84 19.24 -30.24
C SER D 94 -6.50 20.15 -29.06
N ALA D 95 -6.64 21.46 -29.25
CA ALA D 95 -6.34 22.41 -28.19
C ALA D 95 -7.01 23.74 -28.49
N SER D 96 -7.24 24.54 -27.46
CA SER D 96 -7.87 25.84 -27.68
C SER D 96 -7.49 26.88 -26.65
N THR D 97 -7.84 28.12 -26.97
CA THR D 97 -7.59 29.26 -26.09
C THR D 97 -8.84 30.12 -26.23
N GLY D 98 -9.03 31.05 -25.29
CA GLY D 98 -10.19 31.92 -25.34
C GLY D 98 -9.84 33.29 -24.80
N LEU D 99 -10.42 33.63 -23.65
CA LEU D 99 -10.16 34.92 -22.99
C LEU D 99 -8.72 34.91 -22.50
N TYR D 100 -8.30 33.75 -22.00
CA TYR D 100 -6.94 33.54 -21.51
C TYR D 100 -6.24 32.61 -22.50
N LYS D 101 -4.91 32.63 -22.52
CA LYS D 101 -4.20 31.76 -23.44
C LYS D 101 -2.96 31.09 -22.87
N GLU D 102 -2.45 30.12 -23.62
CA GLU D 102 -1.26 29.35 -23.29
C GLU D 102 -0.80 28.81 -24.63
N THR D 103 0.41 28.28 -24.71
CA THR D 103 0.87 27.70 -25.96
C THR D 103 0.55 26.22 -25.81
N ASN D 104 0.11 25.59 -26.89
CA ASN D 104 -0.19 24.16 -26.85
C ASN D 104 0.74 23.47 -27.84
N THR D 105 2.01 23.40 -27.44
CA THR D 105 3.06 22.80 -28.26
C THR D 105 3.23 21.29 -28.04
N ILE D 106 3.22 20.55 -29.14
CA ILE D 106 3.41 19.09 -29.11
C ILE D 106 4.81 18.82 -29.63
N LEU D 107 5.61 18.11 -28.85
CA LEU D 107 6.98 17.83 -29.25
C LEU D 107 7.20 16.44 -29.85
N SER D 108 6.27 15.53 -29.59
CA SER D 108 6.36 14.18 -30.16
C SER D 108 5.02 13.48 -29.95
N TRP D 109 4.70 12.57 -30.87
CA TRP D 109 3.43 11.83 -30.82
C TRP D 109 3.58 10.41 -31.40
N SER D 110 3.10 9.43 -30.64
CA SER D 110 3.18 8.02 -31.02
C SER D 110 1.85 7.37 -30.83
N PHE D 111 1.59 6.36 -31.65
CA PHE D 111 0.33 5.65 -31.57
C PHE D 111 0.52 4.24 -32.12
N THR D 112 -0.16 3.29 -31.49
CA THR D 112 -0.09 1.89 -31.90
C THR D 112 -1.46 1.26 -31.69
N SER D 113 -1.94 0.54 -32.68
CA SER D 113 -3.25 -0.11 -32.61
C SER D 113 -3.09 -1.56 -33.08
N LYS D 114 -3.77 -2.49 -32.42
CA LYS D 114 -3.68 -3.91 -32.77
C LYS D 114 -5.00 -4.66 -32.66
N LEU D 115 -5.23 -5.55 -33.64
CA LEU D 115 -6.42 -6.38 -33.72
C LEU D 115 -6.08 -7.83 -34.06
N LYS D 116 -6.49 -8.79 -33.23
CA LYS D 116 -6.26 -10.22 -33.50
C LYS D 116 -7.64 -10.82 -33.75
N SER D 117 -7.79 -11.60 -34.81
CA SER D 117 -9.09 -12.19 -35.15
C SER D 117 -9.19 -13.71 -35.06
N ASN D 118 -10.22 -14.26 -35.73
CA ASN D 118 -10.48 -15.71 -35.77
C ASN D 118 -9.45 -16.47 -36.60
N SER D 119 -8.20 -16.34 -36.20
CA SER D 119 -7.08 -17.00 -36.86
C SER D 119 -5.87 -16.90 -35.92
N THR D 120 -5.26 -18.05 -35.64
CA THR D 120 -4.10 -18.13 -34.76
C THR D 120 -2.95 -17.30 -35.33
N HIS D 121 -2.48 -16.33 -34.54
CA HIS D 121 -1.37 -15.47 -34.94
C HIS D 121 -1.78 -14.46 -36.03
N GLU D 122 -3.09 -14.28 -36.22
CA GLU D 122 -3.61 -13.34 -37.23
C GLU D 122 -3.92 -11.99 -36.59
N THR D 123 -3.02 -11.04 -36.82
CA THR D 123 -3.15 -9.71 -36.24
C THR D 123 -2.94 -8.61 -37.27
N ASN D 124 -3.69 -7.53 -37.12
CA ASN D 124 -3.54 -6.38 -37.99
C ASN D 124 -3.02 -5.28 -37.08
N ALA D 125 -2.05 -4.51 -37.55
CA ALA D 125 -1.53 -3.46 -36.70
C ALA D 125 -1.17 -2.19 -37.45
N LEU D 126 -1.24 -1.07 -36.74
CA LEU D 126 -0.88 0.23 -37.28
C LEU D 126 -0.05 0.94 -36.23
N HIS D 127 1.07 1.53 -36.68
CA HIS D 127 1.94 2.25 -35.77
C HIS D 127 2.62 3.41 -36.45
N PHE D 128 2.67 4.54 -35.75
CA PHE D 128 3.34 5.72 -36.27
C PHE D 128 3.95 6.49 -35.13
N MET D 129 5.09 7.11 -35.40
CA MET D 129 5.77 7.88 -34.38
C MET D 129 6.31 9.18 -34.95
N PHE D 130 5.98 10.29 -34.28
CA PHE D 130 6.45 11.61 -34.70
C PHE D 130 7.38 12.20 -33.61
N ASN D 131 8.61 12.50 -33.99
CA ASN D 131 9.53 13.12 -33.04
C ASN D 131 9.88 14.48 -33.62
N GLN D 132 9.80 14.55 -34.95
CA GLN D 132 10.05 15.77 -35.69
C GLN D 132 8.83 16.06 -36.53
N PHE D 133 8.57 17.33 -36.77
CA PHE D 133 7.43 17.73 -37.57
C PHE D 133 7.92 18.66 -38.68
N SER D 134 7.74 18.22 -39.92
CA SER D 134 8.15 19.02 -41.07
C SER D 134 7.15 20.15 -41.35
N LYS D 135 7.64 21.17 -42.04
CA LYS D 135 6.85 22.31 -42.44
C LYS D 135 5.66 21.80 -43.28
N ASP D 136 5.91 20.73 -44.04
CA ASP D 136 4.89 20.11 -44.88
C ASP D 136 4.69 18.63 -44.51
N GLN D 137 3.92 18.39 -43.45
CA GLN D 137 3.63 17.06 -42.93
C GLN D 137 2.40 16.50 -43.68
N LYS D 138 2.64 15.88 -44.84
CA LYS D 138 1.53 15.36 -45.64
C LYS D 138 0.73 14.22 -45.06
N ASP D 139 1.21 13.61 -43.97
CA ASP D 139 0.49 12.50 -43.35
C ASP D 139 -0.35 12.97 -42.14
N LEU D 140 -0.46 14.28 -41.99
CA LEU D 140 -1.27 14.89 -40.94
C LEU D 140 -2.31 15.80 -41.55
N ILE D 141 -3.48 15.87 -40.93
CA ILE D 141 -4.55 16.74 -41.37
C ILE D 141 -4.64 17.86 -40.33
N LEU D 142 -4.20 19.05 -40.70
CA LEU D 142 -4.24 20.21 -39.80
C LEU D 142 -5.54 20.98 -39.99
N GLN D 143 -6.26 21.22 -38.90
CA GLN D 143 -7.51 21.97 -38.97
C GLN D 143 -7.40 23.21 -38.09
N GLY D 144 -8.18 24.25 -38.40
CA GLY D 144 -8.13 25.47 -37.62
C GLY D 144 -6.76 26.14 -37.71
N ASP D 145 -6.28 26.63 -36.56
CA ASP D 145 -5.00 27.33 -36.50
C ASP D 145 -3.77 26.43 -36.34
N ALA D 146 -3.96 25.11 -36.42
CA ALA D 146 -2.84 24.18 -36.28
C ALA D 146 -1.75 24.40 -37.34
N THR D 147 -0.49 24.24 -36.94
CA THR D 147 0.63 24.40 -37.87
C THR D 147 1.84 23.58 -37.39
N THR D 148 2.77 23.30 -38.31
CA THR D 148 3.96 22.50 -37.99
C THR D 148 5.22 23.12 -38.61
N GLY D 149 6.39 22.67 -38.18
CA GLY D 149 7.62 23.19 -38.74
C GLY D 149 8.45 24.06 -37.81
N THR D 150 7.78 24.82 -36.96
CA THR D 150 8.46 25.70 -36.01
C THR D 150 9.22 24.90 -34.96
N ASP D 151 10.54 24.81 -35.14
CA ASP D 151 11.42 24.06 -34.23
C ASP D 151 11.14 22.56 -34.26
N GLY D 152 10.60 22.11 -35.40
CA GLY D 152 10.27 20.71 -35.55
C GLY D 152 9.05 20.34 -34.73
N ASN D 153 8.41 21.33 -34.10
CA ASN D 153 7.24 21.09 -33.28
C ASN D 153 5.90 21.33 -33.97
N LEU D 154 4.82 20.93 -33.31
CA LEU D 154 3.48 21.07 -33.82
C LEU D 154 2.71 22.03 -32.92
N GLU D 155 2.43 23.24 -33.42
CA GLU D 155 1.70 24.24 -32.66
C GLU D 155 0.21 24.11 -32.96
N LEU D 156 -0.57 23.69 -31.97
CA LEU D 156 -2.01 23.51 -32.14
C LEU D 156 -2.81 24.81 -32.23
N THR D 157 -2.31 25.87 -31.60
CA THR D 157 -2.98 27.18 -31.61
C THR D 157 -1.99 28.30 -31.93
N ARG D 158 -2.46 29.47 -32.32
CA ARG D 158 -1.47 30.46 -32.69
C ARG D 158 -0.52 30.85 -31.57
N VAL D 159 0.59 31.45 -32.01
CA VAL D 159 1.64 31.83 -31.07
C VAL D 159 2.46 33.08 -31.42
N SER D 160 2.36 33.56 -32.66
CA SER D 160 3.11 34.74 -33.11
C SER D 160 4.62 34.53 -33.18
N SER D 161 5.32 35.55 -33.68
CA SER D 161 6.77 35.52 -33.86
C SER D 161 7.59 35.40 -32.60
N ASN D 162 7.29 36.24 -31.61
CA ASN D 162 8.03 36.24 -30.36
C ASN D 162 7.63 35.11 -29.41
N GLY D 163 6.87 34.15 -29.93
CA GLY D 163 6.46 33.01 -29.13
C GLY D 163 5.39 33.20 -28.06
N SER D 164 4.60 34.27 -28.17
CA SER D 164 3.55 34.50 -27.19
C SER D 164 2.20 34.03 -27.74
N PRO D 165 1.50 33.16 -26.98
CA PRO D 165 0.20 32.62 -27.37
C PRO D 165 -0.90 33.66 -27.58
N GLN D 166 -1.84 33.34 -28.48
CA GLN D 166 -2.95 34.22 -28.80
C GLN D 166 -4.25 33.67 -28.20
N GLY D 167 -5.18 34.56 -27.89
CA GLY D 167 -6.45 34.11 -27.33
C GLY D 167 -7.42 33.73 -28.44
N SER D 168 -8.58 33.20 -28.06
CA SER D 168 -9.59 32.81 -29.04
C SER D 168 -9.02 32.06 -30.24
N SER D 169 -8.28 30.98 -29.98
CA SER D 169 -7.68 30.19 -31.05
C SER D 169 -8.06 28.71 -30.94
N VAL D 170 -8.08 28.01 -32.07
CA VAL D 170 -8.42 26.58 -32.09
C VAL D 170 -7.75 25.82 -33.23
N GLY D 171 -7.26 24.63 -32.93
CA GLY D 171 -6.61 23.83 -33.95
C GLY D 171 -6.59 22.36 -33.61
N ARG D 172 -6.48 21.51 -34.63
CA ARG D 172 -6.45 20.06 -34.43
C ARG D 172 -5.50 19.44 -35.44
N ALA D 173 -5.10 18.21 -35.16
CA ALA D 173 -4.22 17.47 -36.05
C ALA D 173 -4.64 16.01 -36.00
N LEU D 174 -5.00 15.45 -37.15
CA LEU D 174 -5.42 14.06 -37.20
C LEU D 174 -4.51 13.28 -38.13
N PHE D 175 -4.25 12.02 -37.80
CA PHE D 175 -3.41 11.20 -38.67
C PHE D 175 -4.20 10.97 -39.95
N TYR D 176 -3.53 11.07 -41.09
CA TYR D 176 -4.19 10.91 -42.39
C TYR D 176 -5.00 9.63 -42.61
N ALA D 177 -4.40 8.48 -42.36
CA ALA D 177 -5.09 7.21 -42.57
C ALA D 177 -6.17 6.86 -41.53
N PRO D 178 -7.31 6.28 -41.98
CA PRO D 178 -8.37 5.90 -41.05
C PRO D 178 -7.84 4.75 -40.19
N VAL D 179 -8.42 4.56 -39.00
CA VAL D 179 -7.96 3.49 -38.12
C VAL D 179 -9.06 2.51 -37.76
N HIS D 180 -8.72 1.23 -37.75
CA HIS D 180 -9.67 0.17 -37.41
C HIS D 180 -9.54 -0.05 -35.91
N ILE D 181 -10.38 0.65 -35.14
CA ILE D 181 -10.34 0.59 -33.69
C ILE D 181 -11.03 -0.60 -33.01
N TRP D 182 -11.85 -1.33 -33.75
CA TRP D 182 -12.51 -2.52 -33.21
C TRP D 182 -13.23 -3.37 -34.28
N GLU D 183 -13.54 -4.60 -33.91
CA GLU D 183 -14.26 -5.51 -34.80
C GLU D 183 -14.89 -6.61 -33.97
N SER D 184 -16.07 -7.07 -34.40
CA SER D 184 -16.80 -8.13 -33.68
C SER D 184 -15.92 -9.36 -33.52
N SER D 185 -15.33 -9.78 -34.63
CA SER D 185 -14.47 -10.95 -34.67
C SER D 185 -13.26 -10.85 -33.74
N ALA D 186 -12.77 -9.64 -33.54
CA ALA D 186 -11.60 -9.39 -32.70
C ALA D 186 -11.60 -10.11 -31.35
N VAL D 187 -10.52 -10.88 -31.11
CA VAL D 187 -10.32 -11.62 -29.87
C VAL D 187 -9.74 -10.66 -28.85
N VAL D 188 -8.73 -9.91 -29.28
CA VAL D 188 -8.09 -8.92 -28.43
C VAL D 188 -7.81 -7.72 -29.30
N ALA D 189 -8.27 -6.57 -28.88
CA ALA D 189 -8.06 -5.33 -29.61
C ALA D 189 -7.56 -4.33 -28.58
N SER D 190 -6.51 -3.59 -28.92
CA SER D 190 -5.99 -2.63 -27.98
C SER D 190 -5.23 -1.52 -28.69
N PHE D 191 -5.02 -0.41 -27.98
CA PHE D 191 -4.28 0.71 -28.52
C PHE D 191 -3.67 1.52 -27.40
N GLU D 192 -2.56 2.19 -27.70
CA GLU D 192 -1.88 3.04 -26.72
C GLU D 192 -1.29 4.24 -27.46
N ALA D 193 -1.42 5.43 -26.87
CA ALA D 193 -0.90 6.62 -27.50
C ALA D 193 -0.05 7.40 -26.51
N THR D 194 0.97 8.08 -27.02
CA THR D 194 1.85 8.87 -26.16
C THR D 194 2.23 10.18 -26.83
N PHE D 195 2.28 11.26 -26.05
CA PHE D 195 2.71 12.55 -26.60
C PHE D 195 3.32 13.43 -25.51
N THR D 196 4.34 14.21 -25.87
CA THR D 196 4.97 15.11 -24.93
C THR D 196 4.49 16.52 -25.29
N PHE D 197 4.20 17.31 -24.27
CA PHE D 197 3.68 18.66 -24.51
C PHE D 197 4.42 19.71 -23.70
N LEU D 198 4.21 20.96 -24.10
CA LEU D 198 4.82 22.10 -23.42
C LEU D 198 3.77 23.20 -23.38
N ILE D 199 3.12 23.35 -22.22
CA ILE D 199 2.12 24.38 -22.05
C ILE D 199 2.74 25.56 -21.32
N LYS D 200 2.93 26.65 -22.04
CA LYS D 200 3.53 27.84 -21.46
C LYS D 200 2.57 29.02 -21.50
N SER D 201 2.53 29.75 -20.41
CA SER D 201 1.66 30.92 -20.29
C SER D 201 2.52 32.09 -19.77
N PRO D 202 2.86 33.04 -20.65
CA PRO D 202 3.67 34.19 -20.23
C PRO D 202 2.96 35.02 -19.16
N ASP D 203 1.70 35.34 -19.41
CA ASP D 203 0.89 36.11 -18.48
C ASP D 203 0.77 35.27 -17.22
N SER D 204 1.03 33.98 -17.38
CA SER D 204 0.95 33.05 -16.27
C SER D 204 -0.50 32.95 -15.82
N HIS D 205 -1.33 32.29 -16.63
CA HIS D 205 -2.73 32.11 -16.33
C HIS D 205 -3.26 31.34 -17.53
N PRO D 206 -2.99 30.03 -17.56
CA PRO D 206 -3.34 29.02 -18.56
C PRO D 206 -4.80 28.88 -18.88
N ALA D 207 -5.04 28.49 -20.13
CA ALA D 207 -6.36 28.23 -20.70
C ALA D 207 -6.11 27.98 -22.18
N ASP D 208 -6.69 26.92 -22.74
CA ASP D 208 -7.82 26.22 -22.14
C ASP D 208 -7.54 24.73 -21.97
N GLY D 209 -6.52 24.24 -22.67
CA GLY D 209 -6.17 22.83 -22.56
C GLY D 209 -5.88 22.13 -23.88
N ILE D 210 -5.38 20.90 -23.76
CA ILE D 210 -5.06 20.05 -24.91
C ILE D 210 -5.84 18.76 -24.72
N ALA D 211 -6.11 18.03 -25.79
CA ALA D 211 -6.84 16.78 -25.65
C ALA D 211 -6.47 15.77 -26.71
N PHE D 212 -6.50 14.50 -26.34
CA PHE D 212 -6.24 13.44 -27.31
C PHE D 212 -7.64 12.90 -27.61
N PHE D 213 -7.99 12.77 -28.89
CA PHE D 213 -9.33 12.29 -29.18
C PHE D 213 -9.45 11.27 -30.30
N ILE D 214 -10.60 10.61 -30.33
CA ILE D 214 -10.91 9.62 -31.36
C ILE D 214 -12.28 10.04 -31.88
N SER D 215 -12.50 9.95 -33.18
CA SER D 215 -13.78 10.34 -33.76
C SER D 215 -14.06 9.70 -35.10
N ASN D 216 -15.21 10.01 -35.66
CA ASN D 216 -15.59 9.51 -36.97
C ASN D 216 -14.64 10.14 -38.00
N ILE D 217 -14.33 9.39 -39.04
CA ILE D 217 -13.41 9.80 -40.09
C ILE D 217 -13.54 11.22 -40.64
N ASP D 218 -14.75 11.74 -40.75
CA ASP D 218 -14.94 13.06 -41.33
C ASP D 218 -15.09 14.23 -40.36
N SER D 219 -14.69 14.02 -39.11
CA SER D 219 -14.80 15.08 -38.11
C SER D 219 -14.05 16.36 -38.43
N SER D 220 -14.63 17.49 -38.01
CA SER D 220 -14.03 18.79 -38.22
C SER D 220 -14.41 19.67 -37.03
N ILE D 221 -13.72 20.80 -36.88
CA ILE D 221 -13.97 21.69 -35.77
C ILE D 221 -15.39 22.26 -35.74
N PRO D 222 -16.08 22.14 -34.59
CA PRO D 222 -17.45 22.67 -34.48
C PRO D 222 -17.41 24.19 -34.36
N SER D 223 -18.51 24.86 -34.71
CA SER D 223 -18.56 26.31 -34.62
C SER D 223 -18.39 26.78 -33.18
N GLY D 224 -17.68 27.90 -33.02
CA GLY D 224 -17.45 28.46 -31.69
C GLY D 224 -17.03 27.46 -30.64
N SER D 225 -16.26 26.46 -31.05
CA SER D 225 -15.80 25.45 -30.12
C SER D 225 -14.44 25.84 -29.54
N THR D 226 -14.13 27.14 -29.56
CA THR D 226 -12.87 27.60 -29.00
C THR D 226 -13.10 27.68 -27.49
N GLY D 227 -12.07 28.07 -26.74
CA GLY D 227 -12.20 28.18 -25.30
C GLY D 227 -12.48 26.87 -24.57
N ARG D 228 -13.45 26.91 -23.66
CA ARG D 228 -13.86 25.76 -22.83
C ARG D 228 -14.23 24.47 -23.58
N LEU D 229 -14.59 24.60 -24.85
CA LEU D 229 -15.01 23.45 -25.64
C LEU D 229 -13.86 22.65 -26.25
N LEU D 230 -12.64 23.13 -26.07
CA LEU D 230 -11.44 22.44 -26.57
C LEU D 230 -11.45 22.03 -28.03
N GLY D 231 -12.25 22.71 -28.84
CA GLY D 231 -12.33 22.41 -30.26
C GLY D 231 -12.86 21.01 -30.54
N LEU D 232 -13.74 20.52 -29.66
CA LEU D 232 -14.31 19.17 -29.82
C LEU D 232 -15.84 19.14 -29.89
N PHE D 233 -16.48 19.76 -28.91
CA PHE D 233 -17.94 19.78 -28.84
C PHE D 233 -18.59 21.10 -29.23
N PRO D 234 -19.76 21.03 -29.88
CA PRO D 234 -20.53 22.20 -30.34
C PRO D 234 -21.20 22.99 -29.21
N ASP D 235 -21.50 22.30 -28.10
CA ASP D 235 -22.12 22.94 -26.95
C ASP D 235 -21.58 22.30 -25.67
N ALA D 236 -22.09 22.75 -24.52
CA ALA D 236 -21.62 22.24 -23.24
C ALA D 236 -22.61 21.31 -22.53
N ASN D 237 -23.50 20.68 -23.29
CA ASN D 237 -24.47 19.76 -22.72
C ASN D 237 -23.81 18.43 -22.38
N ARG E 1 11.70 19.15 70.80
CA ARG E 1 10.46 18.37 70.46
C ARG E 1 9.17 19.13 70.68
N VAL E 2 8.65 19.82 69.65
CA VAL E 2 7.38 20.51 69.81
C VAL E 2 6.57 19.25 70.10
N TRP E 3 6.19 19.11 71.35
CA TRP E 3 5.37 17.98 71.73
C TRP E 3 4.15 18.04 70.83
N TYR E 4 2.97 18.51 71.33
CA TYR E 4 1.74 18.61 70.50
C TYR E 4 0.40 18.40 71.25
N PRO E 5 -0.60 18.96 70.63
CA PRO E 5 -1.99 19.03 71.04
C PRO E 5 -2.79 17.80 70.72
N TYR E 6 -3.31 17.76 69.50
CA TYR E 6 -4.14 16.68 69.03
C TYR E 6 -3.69 15.24 69.07
N GLY E 7 -3.54 14.79 70.32
CA GLY E 7 -3.14 13.45 70.67
C GLY E 7 -3.79 13.20 72.03
N SER E 8 -4.52 12.12 72.19
CA SER E 8 -5.25 11.81 73.44
C SER E 8 -4.37 11.76 74.74
N TYR E 9 -4.86 11.06 75.82
CA TYR E 9 -4.16 10.97 77.14
C TYR E 9 -3.99 9.55 77.67
N LEU E 10 -3.57 9.40 78.93
CA LEU E 10 -3.37 8.09 79.57
C LEU E 10 -1.91 7.63 79.66
N THR E 11 -1.50 6.59 78.97
CA THR E 11 -0.14 6.16 79.17
C THR E 11 0.84 6.65 78.11
N ALA E 12 1.96 7.21 78.58
CA ALA E 12 2.95 7.74 77.64
C ALA E 12 4.44 7.46 77.90
N SER E 13 5.30 8.24 77.21
CA SER E 13 6.76 8.09 77.28
C SER E 13 7.46 9.30 76.64
N GLY E 14 8.47 9.87 77.29
CA GLY E 14 9.18 11.01 76.72
C GLY E 14 10.15 11.77 77.61
N SER E 15 10.59 12.94 77.14
CA SER E 15 11.53 13.78 77.90
C SER E 15 11.87 15.12 77.21
N ARG F 1 -2.56 -42.91 22.89
CA ARG F 1 -2.26 -42.12 21.68
C ARG F 1 -3.14 -40.82 21.57
N VAL F 2 -2.49 -39.73 21.29
CA VAL F 2 -3.09 -38.43 20.95
C VAL F 2 -1.89 -37.76 20.30
N TRP F 3 -1.01 -37.10 21.08
CA TRP F 3 0.19 -36.66 20.34
C TRP F 3 1.01 -35.44 20.74
N TYR F 4 2.23 -35.41 20.29
CA TYR F 4 3.20 -34.37 20.38
C TYR F 4 3.86 -34.56 19.02
N PRO F 5 3.45 -33.62 18.17
CA PRO F 5 3.80 -33.58 16.73
C PRO F 5 5.17 -33.86 16.23
N TYR F 6 5.62 -32.86 15.54
CA TYR F 6 6.90 -32.81 14.91
C TYR F 6 7.96 -32.61 15.98
N GLY F 7 7.67 -33.25 17.09
CA GLY F 7 8.43 -33.08 18.30
C GLY F 7 9.92 -33.03 18.02
N SER F 8 10.69 -32.80 19.08
CA SER F 8 12.13 -32.72 18.93
C SER F 8 12.75 -33.96 19.55
N TYR F 9 13.38 -33.70 20.68
CA TYR F 9 14.18 -34.64 21.42
C TYR F 9 13.94 -35.88 22.23
N LEU F 10 15.08 -36.11 22.89
CA LEU F 10 15.44 -37.14 23.81
C LEU F 10 14.48 -37.57 24.94
N THR F 11 15.06 -38.39 25.83
CA THR F 11 14.41 -38.97 27.02
C THR F 11 13.49 -37.99 27.76
N ALA F 12 12.17 -38.20 27.65
CA ALA F 12 11.17 -37.34 28.31
C ALA F 12 9.89 -38.15 28.65
N SER F 13 8.93 -37.66 29.45
CA SER F 13 7.78 -38.56 29.77
C SER F 13 6.29 -38.15 29.67
N GLY F 14 5.97 -36.88 29.84
CA GLY F 14 4.57 -36.45 29.81
C GLY F 14 3.67 -36.74 28.62
N SER F 15 3.48 -38.04 28.30
CA SER F 15 2.63 -38.49 27.19
C SER F 15 1.73 -37.41 26.56
N ARG G 1 -0.13 -25.57 -54.43
CA ARG G 1 0.82 -26.50 -55.11
C ARG G 1 0.06 -27.56 -55.93
N VAL G 2 -0.77 -27.08 -56.86
CA VAL G 2 -1.58 -27.92 -57.78
C VAL G 2 -0.62 -28.46 -58.85
N TRP G 3 -0.70 -27.83 -60.02
CA TRP G 3 0.16 -28.05 -61.16
C TRP G 3 0.96 -26.75 -61.00
N TYR G 4 2.10 -26.65 -61.66
CA TYR G 4 2.87 -25.42 -61.66
C TYR G 4 3.32 -25.39 -63.13
N PRO G 5 2.65 -24.54 -63.94
CA PRO G 5 2.67 -24.16 -65.36
C PRO G 5 4.00 -24.24 -66.09
N TYR G 6 4.33 -23.11 -66.72
CA TYR G 6 5.57 -22.98 -67.43
C TYR G 6 6.52 -22.58 -66.33
N GLY G 7 6.62 -23.49 -65.38
CA GLY G 7 7.47 -23.24 -64.25
C GLY G 7 8.86 -22.99 -64.75
N SER G 8 9.78 -22.88 -63.82
CA SER G 8 11.13 -22.62 -64.21
C SER G 8 12.10 -23.76 -63.93
N TYR G 9 12.63 -23.75 -62.72
CA TYR G 9 13.70 -24.66 -62.41
C TYR G 9 13.81 -26.06 -61.84
N LEU G 10 15.07 -26.21 -61.39
CA LEU G 10 15.78 -27.33 -60.77
C LEU G 10 15.12 -28.01 -59.59
N THR G 11 15.95 -28.84 -58.96
CA THR G 11 15.62 -29.64 -57.80
C THR G 11 14.76 -28.90 -56.79
N ALA G 12 13.46 -29.17 -56.82
CA ALA G 12 12.58 -28.50 -55.89
C ALA G 12 11.23 -29.20 -55.69
N SER G 13 10.77 -30.06 -56.61
CA SER G 13 9.42 -30.61 -56.38
C SER G 13 9.22 -32.12 -56.50
N GLY G 14 8.29 -32.64 -55.67
CA GLY G 14 8.02 -34.06 -55.63
C GLY G 14 6.97 -34.64 -56.57
N SER G 15 5.70 -34.27 -56.38
CA SER G 15 4.60 -34.77 -57.23
C SER G 15 3.26 -34.18 -56.77
N ARG H 1 13.41 31.41 -15.19
CA ARG H 1 12.54 30.21 -14.99
C ARG H 1 11.08 30.62 -14.79
N VAL H 2 10.30 30.59 -15.87
CA VAL H 2 8.89 30.95 -15.82
C VAL H 2 8.04 29.79 -15.25
N TRP H 3 7.58 29.95 -14.01
CA TRP H 3 6.77 28.94 -13.30
C TRP H 3 5.34 29.03 -13.84
N TYR H 4 4.34 29.24 -12.92
CA TYR H 4 2.91 29.25 -13.38
C TYR H 4 1.75 29.19 -12.31
N PRO H 5 0.65 29.30 -13.06
CA PRO H 5 -0.79 29.24 -12.70
C PRO H 5 -1.47 27.95 -12.43
N TYR H 6 -2.33 27.84 -13.46
CA TYR H 6 -3.17 26.69 -13.65
C TYR H 6 -2.54 25.32 -13.64
N GLY H 7 -2.09 24.96 -12.43
CA GLY H 7 -1.46 23.69 -12.15
C GLY H 7 -1.76 23.45 -10.68
N SER H 8 -2.29 22.24 -10.33
CA SER H 8 -2.65 21.89 -8.92
C SER H 8 -1.48 21.89 -7.92
N TYR H 9 -1.72 21.24 -6.73
CA TYR H 9 -0.75 21.32 -5.64
C TYR H 9 0.19 20.14 -5.34
N LEU H 10 -0.06 19.44 -4.27
CA LEU H 10 0.72 18.34 -3.65
C LEU H 10 2.23 18.17 -3.98
N THR H 11 2.69 17.12 -4.69
CA THR H 11 4.16 16.96 -4.86
C THR H 11 4.81 17.39 -6.19
N ALA H 12 6.04 17.86 -6.05
CA ALA H 12 6.91 18.35 -7.09
C ALA H 12 8.23 18.63 -6.40
N SER H 13 8.76 17.63 -5.72
CA SER H 13 10.00 17.77 -4.96
C SER H 13 11.23 18.21 -5.76
N GLY H 14 12.41 17.79 -5.28
CA GLY H 14 13.64 18.12 -5.95
C GLY H 14 14.31 19.37 -5.39
N SER H 15 14.17 20.48 -6.10
CA SER H 15 14.76 21.75 -5.70
C SER H 15 14.19 22.21 -4.35
#